data_7TAF
#
_entry.id   7TAF
#
_cell.length_a   1.00
_cell.length_b   1.00
_cell.length_c   1.00
_cell.angle_alpha   90.00
_cell.angle_beta   90.00
_cell.angle_gamma   90.00
#
_symmetry.space_group_name_H-M   'P 1'
#
loop_
_entity.id
_entity.type
_entity.pdbx_description
1 polymer 'viral protein 1'
2 polymer 'viral protein 3'
3 polymer 'viral protein 2'
4 polymer 'viral protein 4'
5 non-polymer N,N-dimethyl-5-(3-{2-methyl-4-[5-(trifluoromethyl)-1,2,4-oxadiazol-3-yl]phenoxy}propyl)-1,2-oxazole-3-carboxamide
#
loop_
_entity_poly.entity_id
_entity_poly.type
_entity_poly.pdbx_seq_one_letter_code
_entity_poly.pdbx_strand_id
1 'polypeptide(L)'
;IESIIKTATDTVKSEINAELGVVPSLNAVETGATSNTEPEEAIQTRTVINQHGVSETLVENFLSRAALVSKRSFEYKDHT
SSTARADKNFFKWTINTRSFVQLRRKLELFTYLRFDAEITILTTVAVNGSGNNTYVGLPDLTLQAMFVPTGALTPEKQDS
FHWQSGSNASVFFKISDPPARITIPFMCINSAYSVFYDGFAGFEKNGLYGINPADTIGNLCVRIVNEHQPVGFTVTVRVY
MKPKHIKAWAPRPPRTLPYMSIANANYKGKERAPNALSAIIGNRDSVKTMPHNIVN
;
A
2 'polypeptide(L)'
;GVPTYLLPGSGQFLTTDDHSSAPALPCFNPTPEMHIPGQVRNMLEVVQVESMMEINNTESAVGMERLKVDISALTDVDQL
LFNIPLDIQLDGPLRNTLVGNISRYYTHWSGSLEMTFMFCGSFMAAGKLILCYTPPGGSCPTTRETAMLGTHIVWDFGLQ
SSVTLIIPWISGSHYRMFNNDAKSTNANVGYVTCFMQTNLIVPSESSDTCSLIGFIAAKDDFSLRLMRDSPDIGQLDHLH
AAEAAYQ
;
C
3 'polypeptide(L)'
;SDRVLQLKLGNSAIVTQEAANYCCAYGEWPNYLPDHEAVAIDKPTQPETATDRFYTLKSVKWETGSTGWWWKLPDALNNI
GMFGQNVQHHYLYRSGFLIHVQCNATKFHQGALLVVAIPEHQRGAHNTNTSPGFDDIMKGEEGGTFNHPYVLDDGTSLAC
ATIFPHQWINLRTNNSATIVLPWMNAAPMDFPLRHNQWTLAIIPVVPLGTRTTSSMVPITVSIAPMCCEFNGLRHAIT
;
B
4 'polypeptide(L)' GAQVTRQQTGTHENANIATNGSHITYNQINFYKDSYAASASKQDFSQDPSKFTEPVVEGLKAGAPVLK D
#
# COMPACT_ATOMS: atom_id res chain seq x y z
N ILE A 1 19.84 7.89 1.20
CA ILE A 1 20.46 8.64 0.11
C ILE A 1 20.18 7.95 -1.22
N GLU A 2 19.91 8.76 -2.26
CA GLU A 2 19.63 8.22 -3.58
C GLU A 2 20.90 7.61 -4.18
N SER A 3 20.74 6.45 -4.81
CA SER A 3 21.86 5.78 -5.46
C SER A 3 21.34 4.89 -6.58
N ILE A 4 22.24 4.52 -7.47
CA ILE A 4 21.93 3.63 -8.59
C ILE A 4 22.17 2.20 -8.16
N ILE A 5 21.11 1.39 -8.16
CA ILE A 5 21.17 0.01 -7.71
C ILE A 5 20.76 -0.89 -8.87
N LYS A 6 21.69 -1.76 -9.30
CA LYS A 6 21.43 -2.71 -10.35
C LYS A 6 21.49 -4.16 -9.91
N THR A 7 22.20 -4.47 -8.84
CA THR A 7 22.27 -5.83 -8.30
C THR A 7 22.08 -5.78 -6.80
N ALA A 8 21.71 -6.93 -6.24
CA ALA A 8 21.64 -7.07 -4.80
C ALA A 8 23.02 -6.88 -4.17
N THR A 9 23.03 -6.33 -2.96
CA THR A 9 24.29 -5.98 -2.31
C THR A 9 25.14 -7.21 -2.02
N ASP A 10 26.46 -7.01 -2.05
CA ASP A 10 27.41 -8.05 -1.68
C ASP A 10 27.51 -8.19 -0.17
N THR A 11 28.04 -9.32 0.27
CA THR A 11 28.31 -9.58 1.68
C THR A 11 29.82 -9.58 1.91
N VAL A 12 30.24 -9.03 3.04
CA VAL A 12 31.64 -8.97 3.44
C VAL A 12 31.85 -9.92 4.61
N LYS A 13 32.95 -10.66 4.58
CA LYS A 13 33.26 -11.58 5.67
C LYS A 13 33.44 -10.81 6.96
N SER A 14 33.07 -11.43 8.08
CA SER A 14 33.11 -10.79 9.39
C SER A 14 33.71 -11.73 10.43
N GLU A 15 34.29 -11.15 11.47
CA GLU A 15 34.98 -11.88 12.52
C GLU A 15 34.19 -11.79 13.83
N ILE A 16 34.73 -12.46 14.85
CA ILE A 16 34.13 -12.42 16.18
C ILE A 16 34.07 -10.99 16.68
N ASN A 17 33.00 -10.65 17.39
CA ASN A 17 32.82 -9.32 17.95
C ASN A 17 32.52 -9.42 19.44
N ALA A 18 33.29 -8.69 20.26
CA ALA A 18 32.99 -8.51 21.68
C ALA A 18 33.40 -7.09 22.04
N GLU A 19 32.45 -6.15 21.91
CA GLU A 19 32.74 -4.74 22.07
C GLU A 19 31.73 -4.11 23.02
N LEU A 20 32.23 -3.55 24.12
CA LEU A 20 31.38 -2.84 25.05
C LEU A 20 30.80 -1.59 24.39
N GLY A 21 29.52 -1.33 24.65
CA GLY A 21 28.85 -0.17 24.12
C GLY A 21 28.34 -0.29 22.71
N VAL A 22 28.55 -1.44 22.05
CA VAL A 22 28.10 -1.65 20.68
C VAL A 22 27.13 -2.83 20.68
N VAL A 23 25.89 -2.56 20.31
CA VAL A 23 24.86 -3.61 20.23
C VAL A 23 24.10 -3.45 18.92
N PRO A 24 24.69 -3.81 17.78
CA PRO A 24 23.99 -3.60 16.50
C PRO A 24 22.70 -4.39 16.37
N SER A 25 22.55 -5.49 17.10
CA SER A 25 21.33 -6.30 17.01
C SER A 25 20.16 -5.71 17.78
N LEU A 26 20.38 -4.72 18.63
CA LEU A 26 19.32 -4.05 19.36
C LEU A 26 18.84 -2.84 18.58
N ASN A 27 17.53 -2.61 18.62
CA ASN A 27 16.90 -1.53 17.86
C ASN A 27 15.79 -0.87 18.66
N ALA A 28 15.27 0.24 18.16
CA ALA A 28 14.14 0.95 18.79
C ALA A 28 13.05 1.12 17.74
N VAL A 29 12.14 0.15 17.68
CA VAL A 29 11.05 0.19 16.70
C VAL A 29 10.21 1.44 16.87
N GLU A 30 10.11 1.96 18.09
CA GLU A 30 9.26 3.11 18.38
C GLU A 30 9.58 4.33 17.52
N THR A 31 10.82 4.50 17.08
CA THR A 31 11.18 5.64 16.25
C THR A 31 10.52 5.61 14.88
N GLY A 32 9.98 4.46 14.46
CA GLY A 32 9.41 4.32 13.14
C GLY A 32 10.39 3.88 12.08
N ALA A 33 11.67 3.71 12.42
CA ALA A 33 12.68 3.28 11.46
C ALA A 33 12.82 1.76 11.49
N THR A 34 12.96 1.17 10.31
CA THR A 34 13.22 -0.25 10.20
C THR A 34 14.61 -0.59 10.71
N SER A 35 14.75 -1.78 11.30
CA SER A 35 16.01 -2.19 11.90
C SER A 35 17.14 -2.10 10.88
N ASN A 36 18.28 -1.57 11.31
CA ASN A 36 19.46 -1.46 10.46
C ASN A 36 20.51 -2.52 10.74
N THR A 37 20.15 -3.58 11.45
CA THR A 37 21.08 -4.66 11.73
C THR A 37 21.51 -5.35 10.44
N GLU A 38 22.82 -5.48 10.24
CA GLU A 38 23.36 -6.14 9.07
C GLU A 38 23.68 -7.60 9.37
N PRO A 39 23.62 -8.47 8.35
CA PRO A 39 24.02 -9.87 8.57
C PRO A 39 25.42 -10.01 9.13
N GLU A 40 26.37 -9.18 8.66
CA GLU A 40 27.73 -9.24 9.14
C GLU A 40 27.83 -8.94 10.64
N GLU A 41 26.87 -8.24 11.21
CA GLU A 41 26.88 -7.91 12.63
C GLU A 41 26.13 -8.94 13.48
N ALA A 42 25.22 -9.70 12.90
CA ALA A 42 24.46 -10.71 13.63
C ALA A 42 25.16 -12.07 13.68
N ILE A 43 25.82 -12.46 12.59
CA ILE A 43 26.55 -13.71 12.50
C ILE A 43 27.90 -13.45 11.86
N GLN A 44 28.75 -14.47 11.89
CA GLN A 44 30.00 -14.43 11.15
C GLN A 44 29.74 -14.85 9.71
N THR A 45 30.03 -13.97 8.76
CA THR A 45 29.74 -14.18 7.35
C THR A 45 31.03 -14.43 6.57
N ARG A 46 30.85 -14.90 5.34
CA ARG A 46 31.91 -14.98 4.35
C ARG A 46 31.76 -13.82 3.36
N THR A 47 32.72 -13.72 2.45
CA THR A 47 32.62 -12.77 1.35
C THR A 47 31.81 -13.40 0.22
N VAL A 48 30.82 -12.67 -0.28
CA VAL A 48 29.99 -13.12 -1.39
C VAL A 48 29.84 -11.96 -2.37
N ILE A 49 30.18 -12.21 -3.64
CA ILE A 49 29.99 -11.24 -4.71
C ILE A 49 28.63 -11.55 -5.33
N ASN A 50 27.63 -10.74 -5.00
CA ASN A 50 26.26 -10.97 -5.44
C ASN A 50 26.06 -10.39 -6.83
N GLN A 51 25.64 -11.25 -7.77
CA GLN A 51 25.40 -10.85 -9.16
C GLN A 51 23.92 -10.84 -9.51
N HIS A 52 23.04 -10.94 -8.51
CA HIS A 52 21.60 -11.05 -8.76
C HIS A 52 21.05 -9.69 -9.19
N GLY A 53 20.40 -9.66 -10.36
CA GLY A 53 19.81 -8.44 -10.84
C GLY A 53 18.51 -8.09 -10.11
N VAL A 54 18.14 -6.81 -10.19
CA VAL A 54 16.95 -6.30 -9.53
C VAL A 54 16.00 -5.63 -10.54
N SER A 55 16.25 -5.81 -11.84
CA SER A 55 15.47 -5.10 -12.84
C SER A 55 14.02 -5.55 -12.90
N GLU A 56 13.73 -6.82 -12.61
CA GLU A 56 12.36 -7.30 -12.75
C GLU A 56 11.41 -6.72 -11.71
N THR A 57 11.92 -6.14 -10.63
CA THR A 57 11.08 -5.48 -9.64
C THR A 57 10.99 -3.97 -9.85
N LEU A 58 11.57 -3.45 -10.94
CA LEU A 58 11.36 -2.05 -11.28
C LEU A 58 9.87 -1.77 -11.41
N VAL A 59 9.45 -0.60 -10.92
CA VAL A 59 8.04 -0.23 -10.97
C VAL A 59 7.52 -0.31 -12.39
N GLU A 60 8.30 0.19 -13.35
CA GLU A 60 7.88 0.14 -14.75
C GLU A 60 7.60 -1.29 -15.18
N ASN A 61 8.52 -2.21 -14.91
CA ASN A 61 8.30 -3.61 -15.25
C ASN A 61 7.13 -4.19 -14.46
N PHE A 62 7.04 -3.85 -13.17
CA PHE A 62 6.00 -4.40 -12.31
C PHE A 62 4.61 -4.05 -12.83
N LEU A 63 4.43 -2.81 -13.32
CA LEU A 63 3.12 -2.33 -13.73
C LEU A 63 2.90 -2.31 -15.23
N SER A 64 3.96 -2.27 -16.05
CA SER A 64 3.81 -2.18 -17.50
C SER A 64 3.52 -3.55 -18.08
N ARG A 65 2.28 -3.99 -17.88
CA ARG A 65 1.80 -5.27 -18.40
C ARG A 65 0.36 -5.08 -18.84
N ALA A 66 0.03 -5.60 -20.02
CA ALA A 66 -1.33 -5.48 -20.52
C ALA A 66 -2.28 -6.31 -19.67
N ALA A 67 -3.29 -5.66 -19.11
CA ALA A 67 -4.25 -6.33 -18.25
C ALA A 67 -5.67 -6.02 -18.70
N LEU A 68 -6.55 -7.00 -18.57
CA LEU A 68 -7.95 -6.80 -18.92
C LEU A 68 -8.56 -5.72 -18.04
N VAL A 69 -9.29 -4.79 -18.68
CA VAL A 69 -10.00 -3.73 -17.98
C VAL A 69 -11.46 -3.65 -18.36
N SER A 70 -11.84 -4.24 -19.49
CA SER A 70 -13.21 -4.19 -19.97
C SER A 70 -13.51 -5.41 -20.83
N LYS A 71 -14.67 -6.02 -20.59
CA LYS A 71 -15.14 -7.16 -21.37
C LYS A 71 -16.65 -7.02 -21.54
N ARG A 72 -17.10 -6.78 -22.76
CA ARG A 72 -18.52 -6.56 -23.04
C ARG A 72 -18.95 -7.45 -24.19
N SER A 73 -20.03 -8.20 -23.98
CA SER A 73 -20.66 -8.99 -25.03
C SER A 73 -22.00 -8.36 -25.41
N PHE A 74 -22.26 -8.27 -26.70
CA PHE A 74 -23.53 -7.76 -27.20
C PHE A 74 -23.92 -8.52 -28.44
N GLU A 75 -25.22 -8.50 -28.74
CA GLU A 75 -25.76 -9.22 -29.88
C GLU A 75 -25.68 -8.34 -31.14
N TYR A 76 -25.16 -8.92 -32.22
CA TYR A 76 -25.10 -8.26 -33.52
C TYR A 76 -26.21 -8.87 -34.37
N LYS A 77 -27.30 -8.13 -34.51
CA LYS A 77 -28.50 -8.64 -35.18
C LYS A 77 -29.45 -7.47 -35.43
N ASP A 78 -30.61 -7.78 -36.01
CA ASP A 78 -31.68 -6.79 -36.17
C ASP A 78 -32.34 -6.58 -34.82
N HIS A 79 -32.24 -5.36 -34.29
CA HIS A 79 -32.68 -5.04 -32.94
C HIS A 79 -34.02 -4.29 -32.92
N THR A 80 -34.87 -4.53 -33.92
CA THR A 80 -36.14 -3.82 -34.00
C THR A 80 -37.07 -4.13 -32.83
N SER A 81 -37.00 -5.33 -32.25
CA SER A 81 -37.87 -5.71 -31.15
C SER A 81 -37.05 -5.96 -29.89
N SER A 82 -36.00 -5.18 -29.70
CA SER A 82 -35.12 -5.32 -28.54
C SER A 82 -35.58 -4.39 -27.42
N THR A 83 -35.23 -4.77 -26.19
CA THR A 83 -35.55 -3.95 -25.04
C THR A 83 -34.62 -2.74 -24.97
N ALA A 84 -35.04 -1.74 -24.21
CA ALA A 84 -34.26 -0.51 -24.09
C ALA A 84 -32.91 -0.74 -23.41
N ARG A 85 -32.78 -1.77 -22.58
CA ARG A 85 -31.53 -2.05 -21.90
C ARG A 85 -30.53 -2.82 -22.76
N ALA A 86 -30.97 -3.37 -23.88
CA ALA A 86 -30.11 -4.19 -24.73
C ALA A 86 -29.13 -3.33 -25.51
N ASP A 87 -27.91 -3.85 -25.67
CA ASP A 87 -26.89 -3.21 -26.50
C ASP A 87 -27.24 -3.52 -27.96
N LYS A 88 -27.74 -2.51 -28.67
CA LYS A 88 -28.25 -2.70 -30.03
C LYS A 88 -27.13 -2.42 -31.03
N ASN A 89 -26.27 -3.42 -31.21
CA ASN A 89 -25.15 -3.39 -32.14
C ASN A 89 -24.06 -2.40 -31.73
N PHE A 90 -24.12 -1.87 -30.50
CA PHE A 90 -23.07 -1.00 -30.00
C PHE A 90 -23.18 -0.95 -28.48
N PHE A 91 -22.09 -0.52 -27.84
CA PHE A 91 -22.10 -0.32 -26.40
C PHE A 91 -21.22 0.87 -26.06
N LYS A 92 -21.48 1.46 -24.90
CA LYS A 92 -20.63 2.50 -24.34
C LYS A 92 -20.16 2.07 -22.97
N TRP A 93 -18.93 2.46 -22.63
CA TRP A 93 -18.32 2.07 -21.37
C TRP A 93 -17.65 3.28 -20.74
N THR A 94 -18.05 3.60 -19.51
CA THR A 94 -17.38 4.64 -18.73
C THR A 94 -16.07 4.06 -18.23
N ILE A 95 -14.96 4.62 -18.72
CA ILE A 95 -13.65 4.00 -18.51
C ILE A 95 -13.28 4.01 -17.04
N ASN A 96 -12.82 2.87 -16.54
CA ASN A 96 -12.33 2.75 -15.17
C ASN A 96 -11.38 1.56 -15.10
N THR A 97 -10.51 1.59 -14.09
CA THR A 97 -9.52 0.53 -13.88
C THR A 97 -9.84 -0.29 -12.63
N ARG A 98 -11.11 -0.29 -12.20
CA ARG A 98 -11.50 -0.92 -10.95
C ARG A 98 -12.38 -2.14 -11.12
N SER A 99 -12.57 -2.64 -12.34
CA SER A 99 -13.54 -3.71 -12.55
C SER A 99 -12.93 -5.09 -12.47
N PHE A 100 -11.63 -5.22 -12.75
CA PHE A 100 -10.94 -6.51 -12.70
C PHE A 100 -9.85 -6.45 -11.65
N VAL A 101 -9.91 -7.39 -10.71
CA VAL A 101 -9.18 -7.24 -9.44
C VAL A 101 -7.67 -7.35 -9.62
N GLN A 102 -7.21 -8.15 -10.58
CA GLN A 102 -5.76 -8.35 -10.70
C GLN A 102 -5.04 -7.03 -10.97
N LEU A 103 -5.53 -6.24 -11.92
CA LEU A 103 -4.93 -4.94 -12.17
C LEU A 103 -5.24 -3.93 -11.07
N ARG A 104 -6.46 -3.98 -10.53
CA ARG A 104 -6.86 -3.01 -9.50
C ARG A 104 -5.98 -3.11 -8.27
N ARG A 105 -5.73 -4.33 -7.79
CA ARG A 105 -4.90 -4.51 -6.60
C ARG A 105 -3.50 -3.98 -6.82
N LYS A 106 -2.91 -4.28 -7.98
CA LYS A 106 -1.55 -3.81 -8.25
C LYS A 106 -1.52 -2.29 -8.33
N LEU A 107 -2.51 -1.68 -8.97
CA LEU A 107 -2.57 -0.22 -9.02
C LEU A 107 -2.72 0.38 -7.62
N GLU A 108 -3.55 -0.23 -6.78
CA GLU A 108 -3.84 0.29 -5.44
C GLU A 108 -2.70 0.03 -4.45
N LEU A 109 -1.59 -0.53 -4.91
CA LEU A 109 -0.38 -0.58 -4.09
C LEU A 109 0.28 0.79 -3.97
N PHE A 110 -0.22 1.79 -4.68
CA PHE A 110 0.35 3.13 -4.67
C PHE A 110 -0.76 4.15 -4.47
N THR A 111 -0.37 5.30 -3.93
CA THR A 111 -1.33 6.38 -3.73
C THR A 111 -1.51 7.23 -4.98
N TYR A 112 -0.41 7.61 -5.63
CA TYR A 112 -0.43 8.42 -6.83
C TYR A 112 0.32 7.71 -7.95
N LEU A 113 -0.23 7.77 -9.16
CA LEU A 113 0.40 7.16 -10.31
C LEU A 113 0.31 8.11 -11.50
N ARG A 114 1.40 8.20 -12.26
CA ARG A 114 1.46 8.95 -13.50
C ARG A 114 1.95 8.01 -14.59
N PHE A 115 1.15 7.85 -15.65
CA PHE A 115 1.55 6.96 -16.73
C PHE A 115 0.72 7.26 -17.97
N ASP A 116 1.27 6.87 -19.11
CA ASP A 116 0.53 6.76 -20.35
C ASP A 116 -0.01 5.34 -20.48
N ALA A 117 -1.12 5.20 -21.20
CA ALA A 117 -1.83 3.94 -21.28
C ALA A 117 -1.89 3.45 -22.72
N GLU A 118 -1.32 2.27 -22.96
CA GLU A 118 -1.44 1.57 -24.23
C GLU A 118 -2.72 0.74 -24.18
N ILE A 119 -3.60 0.95 -25.16
CA ILE A 119 -4.90 0.31 -25.19
C ILE A 119 -4.94 -0.67 -26.35
N THR A 120 -5.26 -1.92 -26.05
CA THR A 120 -5.40 -2.98 -27.03
C THR A 120 -6.83 -3.51 -26.97
N ILE A 121 -7.48 -3.58 -28.14
CA ILE A 121 -8.87 -4.02 -28.23
C ILE A 121 -8.91 -5.33 -29.02
N LEU A 122 -9.42 -6.37 -28.39
CA LEU A 122 -9.49 -7.71 -28.98
C LEU A 122 -10.95 -8.09 -29.15
N THR A 123 -11.30 -8.57 -30.34
CA THR A 123 -12.68 -8.87 -30.70
C THR A 123 -12.81 -10.32 -31.14
N THR A 124 -13.88 -10.97 -30.67
CA THR A 124 -14.22 -12.33 -31.06
C THR A 124 -15.70 -12.40 -31.36
N VAL A 125 -16.08 -13.33 -32.23
CA VAL A 125 -17.46 -13.47 -32.68
C VAL A 125 -17.87 -14.93 -32.60
N ALA A 126 -19.17 -15.15 -32.40
CA ALA A 126 -19.75 -16.49 -32.37
C ALA A 126 -21.16 -16.43 -32.92
N VAL A 127 -21.54 -17.46 -33.67
CA VAL A 127 -22.88 -17.55 -34.25
C VAL A 127 -23.88 -17.84 -33.13
N ASN A 128 -25.01 -17.15 -33.17
CA ASN A 128 -26.06 -17.39 -32.19
C ASN A 128 -26.72 -18.73 -32.44
N GLY A 129 -26.89 -19.52 -31.38
CA GLY A 129 -27.48 -20.84 -31.51
C GLY A 129 -28.93 -20.92 -31.05
N SER A 130 -29.43 -19.84 -30.45
CA SER A 130 -30.79 -19.83 -29.91
C SER A 130 -31.79 -19.94 -31.05
N GLY A 131 -32.43 -21.10 -31.16
CA GLY A 131 -33.39 -21.34 -32.23
C GLY A 131 -32.71 -21.58 -33.57
N ASN A 132 -31.83 -20.65 -33.96
CA ASN A 132 -31.05 -20.77 -35.19
C ASN A 132 -29.70 -21.41 -34.85
N ASN A 133 -29.77 -22.64 -34.36
CA ASN A 133 -28.56 -23.37 -33.97
C ASN A 133 -27.91 -24.01 -35.19
N THR A 134 -27.64 -23.19 -36.21
CA THR A 134 -26.96 -23.62 -37.41
C THR A 134 -25.75 -22.73 -37.64
N TYR A 135 -24.65 -23.32 -38.06
CA TYR A 135 -23.39 -22.61 -38.27
C TYR A 135 -23.18 -22.37 -39.75
N VAL A 136 -22.92 -21.11 -40.11
CA VAL A 136 -22.68 -20.72 -41.49
C VAL A 136 -21.29 -20.14 -41.70
N GLY A 137 -20.56 -19.87 -40.63
CA GLY A 137 -19.27 -19.21 -40.73
C GLY A 137 -19.24 -17.90 -39.97
N LEU A 138 -18.06 -17.36 -39.71
CA LEU A 138 -17.91 -16.14 -38.93
C LEU A 138 -17.62 -14.97 -39.85
N PRO A 139 -18.43 -13.91 -39.84
CA PRO A 139 -18.17 -12.78 -40.71
C PRO A 139 -17.01 -11.93 -40.20
N ASP A 140 -16.28 -11.36 -41.15
CA ASP A 140 -15.19 -10.43 -40.82
C ASP A 140 -15.76 -9.03 -40.78
N LEU A 141 -16.21 -8.61 -39.61
CA LEU A 141 -16.90 -7.33 -39.43
C LEU A 141 -15.92 -6.21 -39.17
N THR A 142 -16.35 -5.00 -39.46
CA THR A 142 -15.62 -3.77 -39.13
C THR A 142 -16.25 -3.13 -37.90
N LEU A 143 -15.41 -2.73 -36.95
CA LEU A 143 -15.85 -2.10 -35.72
C LEU A 143 -15.26 -0.70 -35.63
N GLN A 144 -15.97 0.18 -34.92
CA GLN A 144 -15.49 1.53 -34.65
C GLN A 144 -15.46 1.75 -33.15
N ALA A 145 -14.29 2.12 -32.62
CA ALA A 145 -14.14 2.51 -31.23
C ALA A 145 -13.86 4.01 -31.21
N MET A 146 -14.75 4.76 -30.57
CA MET A 146 -14.64 6.21 -30.48
C MET A 146 -14.44 6.61 -29.03
N PHE A 147 -13.45 7.46 -28.78
CA PHE A 147 -13.19 7.98 -27.46
C PHE A 147 -13.97 9.29 -27.28
N VAL A 148 -14.94 9.28 -26.37
CA VAL A 148 -15.81 10.42 -26.12
C VAL A 148 -15.35 11.07 -24.82
N PRO A 149 -14.73 12.24 -24.85
CA PRO A 149 -14.25 12.87 -23.61
C PRO A 149 -15.37 13.50 -22.79
N THR A 150 -15.03 14.00 -21.61
CA THR A 150 -16.00 14.64 -20.74
C THR A 150 -16.70 15.79 -21.47
N GLY A 151 -18.02 15.85 -21.34
CA GLY A 151 -18.80 16.92 -21.94
C GLY A 151 -19.19 16.68 -23.39
N ALA A 152 -18.59 15.69 -24.05
CA ALA A 152 -19.00 15.35 -25.40
C ALA A 152 -20.20 14.41 -25.37
N LEU A 153 -20.96 14.42 -26.46
CA LEU A 153 -22.16 13.61 -26.57
C LEU A 153 -21.81 12.19 -26.98
N THR A 154 -22.45 11.20 -26.33
CA THR A 154 -22.21 9.82 -26.74
C THR A 154 -23.29 9.36 -27.71
N PRO A 155 -22.94 8.47 -28.64
CA PRO A 155 -23.94 7.97 -29.59
C PRO A 155 -25.06 7.23 -28.89
N GLU A 156 -26.27 7.36 -29.46
CA GLU A 156 -27.45 6.71 -28.90
C GLU A 156 -27.93 5.51 -29.71
N LYS A 157 -27.40 5.30 -30.92
CA LYS A 157 -27.78 4.17 -31.75
C LYS A 157 -26.62 3.83 -32.68
N GLN A 158 -26.70 2.65 -33.29
CA GLN A 158 -25.61 2.16 -34.13
C GLN A 158 -25.36 3.08 -35.32
N ASP A 159 -26.41 3.69 -35.87
CA ASP A 159 -26.30 4.58 -37.02
C ASP A 159 -26.36 6.05 -36.63
N SER A 160 -26.09 6.37 -35.37
CA SER A 160 -26.13 7.75 -34.91
C SER A 160 -25.13 8.61 -35.69
N PHE A 161 -25.54 9.84 -35.98
CA PHE A 161 -24.66 10.79 -36.65
C PHE A 161 -23.48 11.21 -35.78
N HIS A 162 -23.50 10.89 -34.49
CA HIS A 162 -22.34 11.15 -33.64
C HIS A 162 -21.13 10.33 -34.07
N TRP A 163 -21.34 9.23 -34.79
CA TRP A 163 -20.22 8.38 -35.22
C TRP A 163 -19.36 9.03 -36.29
N GLN A 164 -19.80 10.14 -36.90
CA GLN A 164 -19.00 10.80 -37.91
C GLN A 164 -17.66 11.29 -37.35
N SER A 165 -17.59 11.50 -36.04
CA SER A 165 -16.32 11.71 -35.34
C SER A 165 -15.49 12.82 -35.99
N GLY A 166 -16.07 14.02 -36.01
CA GLY A 166 -15.35 15.15 -36.59
C GLY A 166 -14.07 15.46 -35.86
N SER A 167 -14.10 15.47 -34.53
CA SER A 167 -12.92 15.71 -33.71
C SER A 167 -12.55 14.57 -32.79
N ASN A 168 -13.51 13.74 -32.39
CA ASN A 168 -13.20 12.58 -31.55
C ASN A 168 -12.23 11.66 -32.28
N ALA A 169 -11.28 11.10 -31.53
CA ALA A 169 -10.40 10.07 -32.06
C ALA A 169 -11.19 8.76 -32.18
N SER A 170 -11.26 8.21 -33.39
CA SER A 170 -11.89 6.93 -33.62
C SER A 170 -10.91 6.01 -34.35
N VAL A 171 -11.00 4.72 -34.05
CA VAL A 171 -10.20 3.71 -34.72
C VAL A 171 -11.14 2.68 -35.33
N PHE A 172 -10.98 2.44 -36.62
CA PHE A 172 -11.73 1.41 -37.34
C PHE A 172 -10.84 0.21 -37.53
N PHE A 173 -11.30 -0.96 -37.11
CA PHE A 173 -10.52 -2.18 -37.18
C PHE A 173 -11.42 -3.34 -37.55
N LYS A 174 -10.80 -4.36 -38.14
CA LYS A 174 -11.51 -5.57 -38.56
C LYS A 174 -11.20 -6.72 -37.61
N ILE A 175 -12.17 -7.63 -37.51
CA ILE A 175 -11.99 -8.81 -36.66
C ILE A 175 -10.82 -9.65 -37.13
N SER A 176 -10.62 -9.74 -38.45
CA SER A 176 -9.53 -10.55 -38.99
C SER A 176 -8.16 -9.91 -38.79
N ASP A 177 -8.12 -8.60 -38.55
CA ASP A 177 -6.85 -7.93 -38.28
C ASP A 177 -6.33 -8.32 -36.90
N PRO A 178 -5.04 -8.10 -36.65
CA PRO A 178 -4.53 -8.17 -35.28
C PRO A 178 -5.25 -7.14 -34.42
N PRO A 179 -5.31 -7.34 -33.11
CA PRO A 179 -6.08 -6.43 -32.26
C PRO A 179 -5.63 -4.99 -32.45
N ALA A 180 -6.61 -4.08 -32.50
CA ALA A 180 -6.30 -2.67 -32.62
C ALA A 180 -5.56 -2.18 -31.38
N ARG A 181 -4.69 -1.20 -31.57
CA ARG A 181 -3.89 -0.67 -30.46
C ARG A 181 -3.67 0.82 -30.66
N ILE A 182 -3.80 1.57 -29.57
CA ILE A 182 -3.51 2.99 -29.54
C ILE A 182 -2.95 3.34 -28.17
N THR A 183 -2.21 4.44 -28.11
CA THR A 183 -1.68 4.96 -26.86
C THR A 183 -2.47 6.20 -26.46
N ILE A 184 -2.96 6.20 -25.22
CA ILE A 184 -3.62 7.34 -24.62
C ILE A 184 -2.62 8.02 -23.69
N PRO A 185 -2.39 9.33 -23.82
CA PRO A 185 -1.41 9.99 -22.95
C PRO A 185 -1.94 10.17 -21.54
N PHE A 186 -1.05 10.49 -20.60
CA PHE A 186 -1.46 10.89 -19.26
C PHE A 186 -2.32 12.14 -19.40
N MET A 187 -3.62 12.02 -19.12
CA MET A 187 -4.57 13.08 -19.40
C MET A 187 -5.19 13.68 -18.14
N CYS A 188 -4.66 13.36 -16.97
CA CYS A 188 -5.16 13.94 -15.74
C CYS A 188 -4.92 15.45 -15.73
N ILE A 189 -5.84 16.18 -15.12
CA ILE A 189 -5.65 17.61 -14.93
C ILE A 189 -4.67 17.94 -13.82
N ASN A 190 -4.26 16.93 -13.03
CA ASN A 190 -3.21 17.06 -12.04
C ASN A 190 -1.93 16.43 -12.58
N SER A 191 -0.86 16.52 -11.78
CA SER A 191 0.41 15.93 -12.14
C SER A 191 0.42 14.41 -12.06
N ALA A 192 -0.54 13.81 -11.36
CA ALA A 192 -0.63 12.37 -11.24
C ALA A 192 -2.07 11.99 -10.93
N TYR A 193 -2.45 10.77 -11.36
CA TYR A 193 -3.73 10.21 -10.97
C TYR A 193 -3.76 9.97 -9.46
N SER A 194 -4.94 10.13 -8.87
CA SER A 194 -5.17 9.81 -7.46
C SER A 194 -5.78 8.42 -7.39
N VAL A 195 -4.94 7.42 -7.12
CA VAL A 195 -5.46 6.05 -6.98
C VAL A 195 -6.49 5.99 -5.87
N PHE A 196 -6.22 6.65 -4.76
CA PHE A 196 -7.16 6.82 -3.67
C PHE A 196 -7.42 8.30 -3.47
N TYR A 197 -8.68 8.66 -3.22
CA TYR A 197 -9.09 10.04 -3.06
C TYR A 197 -9.96 10.16 -1.83
N ASP A 198 -9.42 10.72 -0.76
CA ASP A 198 -10.16 10.95 0.49
C ASP A 198 -10.85 12.30 0.43
N GLY A 199 -11.89 12.36 -0.39
CA GLY A 199 -12.60 13.61 -0.60
C GLY A 199 -13.86 13.39 -1.41
N PHE A 200 -14.59 14.48 -1.61
CA PHE A 200 -15.84 14.48 -2.34
C PHE A 200 -15.71 15.33 -3.59
N ALA A 201 -16.38 14.89 -4.66
CA ALA A 201 -16.16 15.41 -6.00
C ALA A 201 -16.88 16.73 -6.29
N GLY A 202 -17.76 17.19 -5.39
CA GLY A 202 -18.56 18.38 -5.66
C GLY A 202 -18.53 19.36 -4.52
N PHE A 203 -19.01 20.57 -4.82
CA PHE A 203 -19.09 21.63 -3.83
C PHE A 203 -20.32 21.52 -2.93
N GLU A 204 -21.25 20.62 -3.24
CA GLU A 204 -22.33 20.28 -2.33
C GLU A 204 -21.94 19.04 -1.53
N LYS A 205 -22.90 18.50 -0.77
CA LYS A 205 -22.63 17.37 0.11
C LYS A 205 -23.11 16.04 -0.45
N ASN A 206 -23.68 16.02 -1.65
CA ASN A 206 -24.21 14.80 -2.24
C ASN A 206 -23.30 14.19 -3.30
N GLY A 207 -22.10 14.75 -3.48
CA GLY A 207 -21.18 14.22 -4.45
C GLY A 207 -20.60 12.88 -4.03
N LEU A 208 -20.10 12.14 -5.02
CA LEU A 208 -19.54 10.82 -4.78
C LEU A 208 -18.25 10.92 -3.98
N TYR A 209 -18.09 10.02 -3.02
CA TYR A 209 -16.90 9.94 -2.19
C TYR A 209 -15.89 8.97 -2.81
N GLY A 210 -14.61 9.29 -2.69
CA GLY A 210 -13.55 8.38 -3.07
C GLY A 210 -13.18 8.37 -4.53
N ILE A 211 -13.72 9.28 -5.33
CA ILE A 211 -13.36 9.39 -6.75
C ILE A 211 -12.97 10.83 -7.03
N ASN A 212 -11.71 11.04 -7.39
CA ASN A 212 -11.21 12.37 -7.70
C ASN A 212 -11.72 12.80 -9.07
N PRO A 213 -12.48 13.90 -9.16
CA PRO A 213 -12.96 14.32 -10.49
C PRO A 213 -11.85 14.70 -11.44
N ALA A 214 -10.66 15.01 -10.93
CA ALA A 214 -9.54 15.34 -11.80
C ALA A 214 -9.14 14.16 -12.69
N ASP A 215 -9.46 12.94 -12.28
CA ASP A 215 -9.06 11.74 -13.00
C ASP A 215 -10.14 11.22 -13.94
N THR A 216 -11.25 11.92 -14.08
CA THR A 216 -12.31 11.49 -14.99
C THR A 216 -11.76 11.37 -16.40
N ILE A 217 -12.01 10.23 -17.03
CA ILE A 217 -11.47 9.95 -18.36
C ILE A 217 -12.51 10.24 -19.43
N GLY A 218 -13.63 9.53 -19.38
CA GLY A 218 -14.67 9.67 -20.38
C GLY A 218 -15.32 8.35 -20.75
N ASN A 219 -15.81 8.24 -21.98
CA ASN A 219 -16.50 7.05 -22.44
C ASN A 219 -15.83 6.48 -23.68
N LEU A 220 -15.76 5.15 -23.73
CA LEU A 220 -15.36 4.41 -24.92
C LEU A 220 -16.62 3.87 -25.58
N CYS A 221 -16.85 4.24 -26.82
CA CYS A 221 -18.04 3.84 -27.57
C CYS A 221 -17.61 2.94 -28.72
N VAL A 222 -18.17 1.73 -28.76
CA VAL A 222 -17.81 0.72 -29.74
C VAL A 222 -19.08 0.25 -30.44
N ARG A 223 -19.05 0.24 -31.76
CA ARG A 223 -20.16 -0.22 -32.57
C ARG A 223 -19.64 -1.13 -33.67
N ILE A 224 -20.54 -1.96 -34.19
CA ILE A 224 -20.31 -2.67 -35.43
C ILE A 224 -20.70 -1.74 -36.57
N VAL A 225 -19.75 -1.47 -37.48
CA VAL A 225 -20.05 -0.60 -38.60
C VAL A 225 -21.01 -1.27 -39.58
N ASN A 226 -20.83 -2.56 -39.83
CA ASN A 226 -21.69 -3.29 -40.74
C ASN A 226 -23.14 -3.23 -40.29
N GLU A 227 -24.05 -3.06 -41.24
CA GLU A 227 -25.45 -3.28 -40.97
C GLU A 227 -25.70 -4.75 -40.65
N HIS A 228 -26.77 -5.00 -39.90
CA HIS A 228 -27.03 -6.35 -39.41
C HIS A 228 -27.24 -7.32 -40.56
N GLN A 229 -26.84 -8.56 -40.36
CA GLN A 229 -27.06 -9.64 -41.31
C GLN A 229 -28.40 -10.30 -41.04
N PRO A 230 -28.84 -11.20 -41.93
CA PRO A 230 -30.12 -11.89 -41.70
C PRO A 230 -30.14 -12.75 -40.44
N VAL A 231 -28.98 -13.20 -39.97
CA VAL A 231 -28.89 -14.02 -38.77
C VAL A 231 -28.13 -13.24 -37.70
N GLY A 232 -28.30 -13.66 -36.46
CA GLY A 232 -27.72 -12.98 -35.31
C GLY A 232 -26.38 -13.58 -34.90
N PHE A 233 -25.51 -12.72 -34.40
CA PHE A 233 -24.21 -13.10 -33.87
C PHE A 233 -24.02 -12.49 -32.49
N THR A 234 -23.14 -13.08 -31.70
CA THR A 234 -22.72 -12.52 -30.43
C THR A 234 -21.27 -12.05 -30.57
N VAL A 235 -21.05 -10.77 -30.33
CA VAL A 235 -19.73 -10.15 -30.46
C VAL A 235 -19.23 -9.80 -29.05
N THR A 236 -18.02 -10.22 -28.74
CA THR A 236 -17.39 -9.96 -27.46
C THR A 236 -16.17 -9.07 -27.69
N VAL A 237 -16.13 -7.93 -27.00
CA VAL A 237 -15.02 -6.99 -27.09
C VAL A 237 -14.28 -7.00 -25.76
N ARG A 238 -12.97 -7.20 -25.83
CA ARG A 238 -12.09 -7.15 -24.66
C ARG A 238 -11.11 -6.00 -24.83
N VAL A 239 -11.00 -5.16 -23.80
CA VAL A 239 -10.09 -4.02 -23.80
C VAL A 239 -9.00 -4.26 -22.77
N TYR A 240 -7.74 -4.15 -23.21
CA TYR A 240 -6.59 -4.31 -22.36
C TYR A 240 -5.85 -2.98 -22.24
N MET A 241 -5.35 -2.69 -21.05
CA MET A 241 -4.60 -1.46 -20.80
C MET A 241 -3.24 -1.80 -20.21
N LYS A 242 -2.20 -1.23 -20.78
CA LYS A 242 -0.83 -1.38 -20.26
C LYS A 242 -0.26 -0.02 -19.92
N PRO A 243 -0.06 0.31 -18.65
CA PRO A 243 0.62 1.57 -18.32
C PRO A 243 2.07 1.54 -18.75
N LYS A 244 2.59 2.71 -19.09
CA LYS A 244 3.99 2.87 -19.46
C LYS A 244 4.43 4.29 -19.11
N HIS A 245 5.75 4.48 -19.08
CA HIS A 245 6.34 5.74 -18.63
C HIS A 245 5.80 6.10 -17.24
N ILE A 246 5.96 5.17 -16.32
CA ILE A 246 5.25 5.21 -15.05
C ILE A 246 6.07 5.93 -13.99
N LYS A 247 5.38 6.73 -13.18
CA LYS A 247 5.92 7.28 -11.95
C LYS A 247 4.93 6.97 -10.83
N ALA A 248 5.43 6.51 -9.69
CA ALA A 248 4.59 6.10 -8.58
C ALA A 248 5.09 6.70 -7.28
N TRP A 249 4.14 6.97 -6.37
CA TRP A 249 4.44 7.59 -5.09
C TRP A 249 3.65 6.94 -3.97
N ALA A 250 4.22 6.97 -2.77
CA ALA A 250 3.55 6.60 -1.53
C ALA A 250 2.92 5.21 -1.58
N PRO A 251 3.71 4.14 -1.50
CA PRO A 251 3.14 2.79 -1.49
C PRO A 251 2.22 2.57 -0.28
N ARG A 252 1.29 1.64 -0.45
CA ARG A 252 0.21 1.42 0.50
C ARG A 252 0.09 -0.05 0.89
N PRO A 253 -0.53 -0.35 2.02
CA PRO A 253 -0.80 -1.74 2.40
C PRO A 253 -1.68 -2.40 1.34
N PRO A 254 -1.33 -3.62 0.92
CA PRO A 254 -2.12 -4.28 -0.12
C PRO A 254 -3.53 -4.61 0.34
N ARG A 255 -4.43 -4.66 -0.63
CA ARG A 255 -5.80 -5.12 -0.37
C ARG A 255 -5.75 -6.58 0.10
N THR A 256 -6.48 -6.87 1.18
CA THR A 256 -6.57 -8.22 1.71
C THR A 256 -7.95 -8.84 1.52
N LEU A 257 -9.00 -8.17 1.98
CA LEU A 257 -10.35 -8.69 1.82
C LEU A 257 -10.81 -8.54 0.37
N PRO A 258 -11.71 -9.42 -0.07
CA PRO A 258 -12.18 -9.33 -1.46
C PRO A 258 -12.85 -7.99 -1.74
N TYR A 259 -12.67 -7.50 -2.97
CA TYR A 259 -13.35 -6.30 -3.41
C TYR A 259 -14.86 -6.55 -3.49
N MET A 260 -15.63 -5.52 -3.18
CA MET A 260 -17.08 -5.58 -3.26
C MET A 260 -17.67 -4.76 -4.39
N SER A 261 -17.12 -3.56 -4.63
CA SER A 261 -17.68 -2.64 -5.61
C SER A 261 -16.54 -1.94 -6.34
N ILE A 262 -16.84 -1.45 -7.55
CA ILE A 262 -15.89 -0.60 -8.26
C ILE A 262 -15.96 0.85 -7.82
N ALA A 263 -16.97 1.22 -7.03
CA ALA A 263 -17.16 2.61 -6.64
C ALA A 263 -16.54 2.97 -5.30
N ASN A 264 -16.14 1.98 -4.49
CA ASN A 264 -15.63 2.25 -3.16
C ASN A 264 -14.70 1.12 -2.73
N ALA A 265 -14.14 1.27 -1.54
CA ALA A 265 -13.29 0.26 -0.92
C ALA A 265 -14.05 -0.57 0.12
N ASN A 266 -15.36 -0.69 -0.04
CA ASN A 266 -16.17 -1.44 0.92
C ASN A 266 -15.68 -2.88 1.02
N TYR A 267 -15.72 -3.42 2.23
CA TYR A 267 -15.14 -4.72 2.53
C TYR A 267 -16.12 -5.55 3.34
N LYS A 268 -16.10 -6.86 3.10
CA LYS A 268 -16.86 -7.83 3.87
C LYS A 268 -15.98 -8.97 4.38
N GLY A 269 -15.03 -9.43 3.58
CA GLY A 269 -14.20 -10.56 3.95
C GLY A 269 -14.87 -11.89 3.66
N LYS A 270 -14.05 -12.93 3.61
CA LYS A 270 -14.58 -14.27 3.40
C LYS A 270 -15.28 -14.77 4.66
N GLU A 271 -16.09 -15.80 4.48
CA GLU A 271 -16.85 -16.34 5.61
C GLU A 271 -15.92 -16.84 6.71
N ARG A 272 -14.78 -17.40 6.34
CA ARG A 272 -13.77 -17.85 7.29
C ARG A 272 -12.39 -17.63 6.69
N ALA A 273 -11.38 -17.69 7.54
CA ALA A 273 -10.01 -17.47 7.09
C ALA A 273 -9.63 -18.51 6.05
N PRO A 274 -8.72 -18.18 5.12
CA PRO A 274 -8.01 -16.91 5.07
C PRO A 274 -8.81 -15.74 4.49
N ASN A 275 -8.30 -14.53 4.71
CA ASN A 275 -8.88 -13.30 4.17
C ASN A 275 -10.31 -13.08 4.68
N ALA A 276 -10.53 -13.40 5.95
CA ALA A 276 -11.76 -13.05 6.64
C ALA A 276 -11.55 -11.75 7.42
N LEU A 277 -12.66 -11.06 7.71
CA LEU A 277 -12.57 -9.78 8.38
C LEU A 277 -11.88 -9.90 9.73
N SER A 278 -12.08 -11.02 10.44
CA SER A 278 -11.48 -11.23 11.75
C SER A 278 -10.23 -12.10 11.72
N ALA A 279 -9.87 -12.66 10.56
CA ALA A 279 -8.67 -13.50 10.46
C ALA A 279 -8.20 -13.49 9.01
N ILE A 280 -7.14 -12.72 8.74
CA ILE A 280 -6.60 -12.66 7.39
C ILE A 280 -5.81 -13.93 7.06
N ILE A 281 -4.98 -14.39 7.99
CA ILE A 281 -4.13 -15.56 7.80
C ILE A 281 -4.88 -16.80 8.27
N GLY A 282 -4.67 -17.92 7.57
CA GLY A 282 -5.30 -19.15 7.97
C GLY A 282 -4.83 -19.60 9.34
N ASN A 283 -5.71 -20.30 10.06
CA ASN A 283 -5.43 -20.66 11.44
C ASN A 283 -4.55 -21.91 11.53
N ARG A 284 -3.77 -21.97 12.60
CA ARG A 284 -3.08 -23.17 13.05
C ARG A 284 -3.49 -23.47 14.48
N ASP A 285 -3.21 -24.69 14.93
CA ASP A 285 -3.72 -25.15 16.21
C ASP A 285 -3.22 -24.27 17.36
N SER A 286 -1.93 -23.88 17.32
CA SER A 286 -1.37 -23.05 18.37
C SER A 286 -0.10 -22.39 17.84
N VAL A 287 0.41 -21.44 18.62
CA VAL A 287 1.63 -20.73 18.24
C VAL A 287 2.87 -21.60 18.31
N LYS A 288 2.77 -22.80 18.88
CA LYS A 288 3.89 -23.75 18.90
C LYS A 288 3.73 -24.86 17.87
N THR A 289 2.76 -24.74 16.96
CA THR A 289 2.46 -25.77 15.97
C THR A 289 3.10 -25.40 14.64
N MET A 290 3.94 -26.30 14.10
CA MET A 290 4.56 -26.09 12.81
C MET A 290 3.68 -26.74 11.74
N PRO A 291 3.01 -25.95 10.89
CA PRO A 291 1.99 -26.54 10.00
C PRO A 291 2.54 -27.61 9.05
N HIS A 292 3.75 -27.44 8.54
CA HIS A 292 4.33 -28.36 7.57
C HIS A 292 5.63 -28.95 8.09
N ASN A 293 5.60 -29.38 9.35
CA ASN A 293 6.79 -29.93 9.98
C ASN A 293 7.33 -31.12 9.18
N ILE A 294 8.65 -31.13 8.99
CA ILE A 294 9.33 -32.20 8.27
C ILE A 294 9.73 -33.25 9.29
N VAL A 295 9.19 -34.46 9.14
CA VAL A 295 9.49 -35.59 10.02
C VAL A 295 10.17 -36.67 9.18
N ASN A 296 11.44 -36.92 9.47
CA ASN A 296 12.22 -37.91 8.72
C ASN A 296 12.31 -37.56 7.24
N GLY B 1 9.68 -1.44 -53.97
CA GLY B 1 9.53 -1.58 -52.54
C GLY B 1 10.56 -2.49 -51.91
N VAL B 2 10.41 -2.73 -50.60
CA VAL B 2 11.32 -3.56 -49.84
C VAL B 2 10.76 -4.98 -49.80
N PRO B 3 11.50 -5.99 -50.27
CA PRO B 3 11.02 -7.37 -50.12
C PRO B 3 11.07 -7.79 -48.65
N THR B 4 9.99 -8.39 -48.18
CA THR B 4 9.86 -8.79 -46.78
C THR B 4 9.16 -10.14 -46.71
N TYR B 5 9.27 -10.78 -45.54
CA TYR B 5 8.51 -11.98 -45.24
C TYR B 5 8.15 -11.98 -43.75
N LEU B 6 6.99 -12.52 -43.44
CA LEU B 6 6.47 -12.54 -42.09
C LEU B 6 7.00 -13.74 -41.31
N LEU B 7 7.49 -13.48 -40.10
CA LEU B 7 8.00 -14.48 -39.20
C LEU B 7 6.88 -15.13 -38.40
N PRO B 8 7.11 -16.30 -37.84
CA PRO B 8 6.19 -16.83 -36.83
C PRO B 8 6.07 -15.85 -35.67
N GLY B 9 4.85 -15.73 -35.14
CA GLY B 9 4.57 -14.74 -34.13
C GLY B 9 4.03 -13.42 -34.65
N SER B 10 4.05 -13.21 -35.97
CA SER B 10 3.51 -11.99 -36.54
C SER B 10 2.01 -11.91 -36.29
N GLY B 11 1.55 -10.73 -35.87
CA GLY B 11 0.15 -10.50 -35.60
C GLY B 11 -0.32 -10.91 -34.22
N GLN B 12 0.54 -11.54 -33.42
CA GLN B 12 0.15 -11.97 -32.09
C GLN B 12 0.09 -10.79 -31.13
N PHE B 13 -0.68 -10.95 -30.07
CA PHE B 13 -0.80 -9.96 -28.99
C PHE B 13 -0.20 -10.58 -27.74
N LEU B 14 1.05 -10.24 -27.46
CA LEU B 14 1.74 -10.69 -26.25
C LEU B 14 1.61 -9.61 -25.18
N THR B 15 0.98 -9.97 -24.05
CA THR B 15 0.69 -8.99 -23.02
C THR B 15 1.93 -8.35 -22.44
N THR B 16 3.11 -8.97 -22.58
CA THR B 16 4.35 -8.41 -22.06
C THR B 16 5.21 -7.77 -23.16
N ASP B 17 4.66 -7.54 -24.35
CA ASP B 17 5.44 -6.93 -25.41
C ASP B 17 5.73 -5.46 -25.07
N ASP B 18 6.73 -4.91 -25.76
CA ASP B 18 7.20 -3.55 -25.50
C ASP B 18 7.48 -2.87 -26.84
N HIS B 19 6.50 -2.14 -27.36
CA HIS B 19 6.60 -1.46 -28.64
C HIS B 19 5.95 -0.07 -28.52
N SER B 20 6.32 0.80 -29.43
CA SER B 20 5.61 2.06 -29.58
C SER B 20 4.26 1.80 -30.26
N SER B 21 3.31 2.70 -30.03
CA SER B 21 1.98 2.58 -30.62
C SER B 21 1.44 3.97 -30.93
N ALA B 22 0.44 4.00 -31.79
CA ALA B 22 -0.03 5.24 -32.37
C ALA B 22 -0.66 6.14 -31.30
N PRO B 23 -0.22 7.40 -31.19
CA PRO B 23 -0.85 8.32 -30.23
C PRO B 23 -2.26 8.68 -30.67
N ALA B 24 -3.22 8.46 -29.79
CA ALA B 24 -4.62 8.72 -30.14
C ALA B 24 -4.93 10.21 -30.15
N LEU B 25 -4.19 10.99 -29.36
CA LEU B 25 -4.45 12.42 -29.24
C LEU B 25 -3.22 13.20 -29.69
N PRO B 26 -3.12 13.58 -30.96
CA PRO B 26 -1.93 14.31 -31.43
C PRO B 26 -1.79 15.66 -30.75
N CYS B 27 -0.55 16.02 -30.46
CA CYS B 27 -0.19 17.34 -29.93
C CYS B 27 -0.72 17.57 -28.52
N PHE B 28 -1.12 16.52 -27.82
CA PHE B 28 -1.58 16.66 -26.45
C PHE B 28 -0.42 17.00 -25.53
N ASN B 29 -0.62 17.98 -24.65
CA ASN B 29 0.42 18.40 -23.71
C ASN B 29 0.05 17.92 -22.31
N PRO B 30 0.73 16.90 -21.78
CA PRO B 30 0.40 16.42 -20.44
C PRO B 30 0.69 17.47 -19.36
N THR B 31 -0.04 17.36 -18.26
CA THR B 31 0.13 18.30 -17.17
C THR B 31 1.59 18.30 -16.69
N PRO B 32 2.18 19.47 -16.45
CA PRO B 32 3.58 19.50 -16.02
C PRO B 32 3.79 18.69 -14.75
N GLU B 33 4.93 18.02 -14.68
CA GLU B 33 5.25 17.23 -13.50
C GLU B 33 5.49 18.14 -12.30
N MET B 34 5.11 17.65 -11.13
CA MET B 34 5.29 18.36 -9.87
C MET B 34 5.89 17.42 -8.85
N HIS B 35 6.81 17.93 -8.03
CA HIS B 35 7.43 17.08 -7.03
C HIS B 35 6.39 16.57 -6.04
N ILE B 36 6.37 15.26 -5.81
CA ILE B 36 5.50 14.63 -4.85
C ILE B 36 6.36 13.78 -3.92
N PRO B 37 6.18 13.85 -2.61
CA PRO B 37 7.01 13.03 -1.72
C PRO B 37 6.68 11.55 -1.85
N GLY B 38 7.65 10.71 -1.50
CA GLY B 38 7.45 9.28 -1.43
C GLY B 38 7.48 8.52 -2.74
N GLN B 39 8.24 9.00 -3.72
CA GLN B 39 8.38 8.29 -4.99
C GLN B 39 9.06 6.95 -4.77
N VAL B 40 8.54 5.92 -5.44
CA VAL B 40 9.12 4.59 -5.39
C VAL B 40 9.43 4.15 -6.82
N ARG B 41 10.66 3.72 -7.06
CA ARG B 41 11.11 3.31 -8.37
C ARG B 41 11.37 1.81 -8.50
N ASN B 42 11.65 1.13 -7.40
CA ASN B 42 11.84 -0.33 -7.39
C ASN B 42 11.06 -0.92 -6.22
N MET B 43 10.28 -1.96 -6.50
CA MET B 43 9.47 -2.58 -5.45
C MET B 43 10.31 -3.16 -4.32
N LEU B 44 11.60 -3.42 -4.54
CA LEU B 44 12.46 -3.89 -3.46
C LEU B 44 12.59 -2.87 -2.35
N GLU B 45 12.37 -1.58 -2.63
CA GLU B 45 12.34 -0.59 -1.57
C GLU B 45 11.19 -0.82 -0.60
N VAL B 46 10.04 -1.31 -1.08
CA VAL B 46 8.91 -1.57 -0.21
C VAL B 46 9.16 -2.77 0.70
N VAL B 47 9.71 -3.86 0.15
CA VAL B 47 9.93 -5.07 0.93
C VAL B 47 10.97 -4.87 2.03
N GLN B 48 11.79 -3.83 1.92
CA GLN B 48 12.77 -3.50 2.95
C GLN B 48 12.15 -2.82 4.16
N VAL B 49 10.88 -2.45 4.11
CA VAL B 49 10.18 -1.80 5.21
C VAL B 49 9.61 -2.87 6.13
N GLU B 50 9.81 -2.69 7.43
CA GLU B 50 9.29 -3.63 8.43
C GLU B 50 7.77 -3.64 8.42
N SER B 51 7.18 -4.82 8.59
CA SER B 51 5.75 -4.97 8.76
C SER B 51 5.48 -6.10 9.75
N MET B 52 4.31 -6.07 10.38
CA MET B 52 4.01 -7.01 11.44
C MET B 52 3.64 -8.39 10.90
N MET B 53 4.17 -9.43 11.53
CA MET B 53 3.80 -10.80 11.23
C MET B 53 2.55 -11.17 12.03
N GLU B 54 1.74 -12.06 11.46
CA GLU B 54 0.58 -12.62 12.16
C GLU B 54 0.98 -13.94 12.82
N ILE B 55 1.80 -13.82 13.86
CA ILE B 55 2.27 -15.00 14.57
C ILE B 55 1.13 -15.73 15.24
N ASN B 56 0.23 -14.99 15.88
CA ASN B 56 -0.89 -15.58 16.62
C ASN B 56 -2.09 -15.84 15.71
N ASN B 57 -1.88 -16.64 14.66
CA ASN B 57 -2.94 -16.99 13.72
C ASN B 57 -3.64 -18.25 14.23
N THR B 58 -4.41 -18.08 15.29
CA THR B 58 -5.14 -19.17 15.92
C THR B 58 -6.61 -18.78 16.08
N GLU B 59 -7.46 -19.80 16.17
CA GLU B 59 -8.90 -19.56 16.20
C GLU B 59 -9.31 -18.68 17.37
N SER B 60 -8.54 -18.70 18.46
CA SER B 60 -8.91 -17.91 19.64
C SER B 60 -8.62 -16.43 19.44
N ALA B 61 -7.77 -16.07 18.48
CA ALA B 61 -7.37 -14.68 18.30
C ALA B 61 -8.22 -14.02 17.22
N VAL B 62 -8.76 -12.84 17.53
CA VAL B 62 -9.66 -12.10 16.64
C VAL B 62 -9.05 -10.75 16.34
N GLY B 63 -9.13 -10.32 15.08
CA GLY B 63 -8.68 -8.98 14.72
C GLY B 63 -7.19 -8.79 14.97
N MET B 64 -6.83 -7.68 15.61
CA MET B 64 -5.43 -7.39 15.87
C MET B 64 -4.86 -8.21 17.01
N GLU B 65 -5.69 -8.99 17.73
CA GLU B 65 -5.15 -9.96 18.66
C GLU B 65 -4.17 -10.91 17.99
N ARG B 66 -4.37 -11.20 16.70
CA ARG B 66 -3.51 -12.08 15.95
C ARG B 66 -2.14 -11.49 15.65
N LEU B 67 -1.94 -10.20 15.94
CA LEU B 67 -0.70 -9.50 15.64
C LEU B 67 0.23 -9.38 16.83
N LYS B 68 -0.11 -9.97 17.98
CA LYS B 68 0.77 -9.96 19.13
C LYS B 68 0.81 -11.34 19.76
N VAL B 69 1.92 -11.66 20.40
CA VAL B 69 2.12 -12.92 21.10
C VAL B 69 2.27 -12.61 22.58
N ASP B 70 1.40 -13.21 23.40
CA ASP B 70 1.44 -13.01 24.85
C ASP B 70 2.42 -13.98 25.48
N ILE B 71 3.23 -13.49 26.41
CA ILE B 71 4.17 -14.31 27.17
C ILE B 71 3.93 -14.04 28.66
N SER B 72 3.96 -15.10 29.45
CA SER B 72 3.74 -15.02 30.89
C SER B 72 4.91 -15.68 31.62
N ALA B 73 4.98 -15.43 32.93
CA ALA B 73 5.98 -16.07 33.76
C ALA B 73 5.72 -17.57 33.82
N LEU B 74 6.79 -18.35 33.73
CA LEU B 74 6.69 -19.81 33.76
C LEU B 74 7.43 -20.33 34.99
N THR B 75 7.04 -21.55 35.40
CA THR B 75 7.66 -22.20 36.55
C THR B 75 8.57 -23.35 36.15
N ASP B 76 8.79 -23.56 34.85
CA ASP B 76 9.75 -24.50 34.33
C ASP B 76 10.72 -23.77 33.41
N VAL B 77 11.95 -24.26 33.35
CA VAL B 77 13.02 -23.56 32.65
C VAL B 77 13.06 -23.98 31.18
N ASP B 78 13.62 -23.10 30.35
CA ASP B 78 13.97 -23.41 28.96
C ASP B 78 12.74 -23.77 28.13
N GLN B 79 11.59 -23.19 28.45
CA GLN B 79 10.34 -23.54 27.80
C GLN B 79 10.21 -22.86 26.44
N LEU B 80 9.69 -23.60 25.47
CA LEU B 80 9.33 -23.02 24.17
C LEU B 80 8.16 -22.06 24.33
N LEU B 81 8.23 -20.94 23.61
CA LEU B 81 7.17 -19.94 23.63
C LEU B 81 6.36 -19.92 22.34
N PHE B 82 7.02 -19.92 21.19
CA PHE B 82 6.34 -19.95 19.91
C PHE B 82 7.34 -20.29 18.82
N ASN B 83 6.82 -20.71 17.67
CA ASN B 83 7.62 -20.88 16.46
C ASN B 83 6.90 -20.18 15.31
N ILE B 84 7.65 -19.93 14.23
CA ILE B 84 7.15 -19.21 13.08
C ILE B 84 7.49 -20.00 11.82
N PRO B 85 6.50 -20.51 11.08
CA PRO B 85 6.80 -21.09 9.76
C PRO B 85 7.40 -20.03 8.85
N LEU B 86 8.37 -20.44 8.04
CA LEU B 86 9.12 -19.52 7.19
C LEU B 86 8.69 -19.59 5.73
N ASP B 87 7.55 -20.21 5.43
CA ASP B 87 7.10 -20.34 4.05
C ASP B 87 6.22 -19.16 3.67
N ILE B 88 6.65 -18.39 2.67
CA ILE B 88 5.89 -17.26 2.18
C ILE B 88 4.76 -17.66 1.25
N GLN B 89 4.96 -18.69 0.42
CA GLN B 89 3.93 -19.17 -0.49
C GLN B 89 2.73 -19.75 0.23
N LEU B 90 2.94 -20.54 1.28
CA LEU B 90 1.84 -21.06 2.07
C LEU B 90 1.23 -19.95 2.91
N ASP B 91 0.01 -20.20 3.39
CA ASP B 91 -0.71 -19.25 4.21
C ASP B 91 -0.19 -19.31 5.64
N GLY B 92 0.72 -18.40 5.98
CA GLY B 92 1.29 -18.38 7.31
C GLY B 92 1.49 -16.97 7.84
N PRO B 93 2.20 -16.86 8.97
CA PRO B 93 2.37 -15.54 9.59
C PRO B 93 3.08 -14.52 8.74
N LEU B 94 3.87 -14.93 7.75
CA LEU B 94 4.61 -14.00 6.91
C LEU B 94 3.85 -13.56 5.66
N ARG B 95 2.68 -14.15 5.38
CA ARG B 95 2.03 -13.92 4.10
C ARG B 95 1.54 -12.48 3.97
N ASN B 96 0.85 -11.96 4.99
CA ASN B 96 0.27 -10.61 4.92
C ASN B 96 1.24 -9.58 5.49
N THR B 97 2.42 -9.53 4.88
CA THR B 97 3.42 -8.53 5.18
C THR B 97 3.85 -7.86 3.89
N LEU B 98 4.53 -6.72 4.00
CA LEU B 98 5.02 -6.04 2.81
C LEU B 98 5.89 -6.97 1.97
N VAL B 99 6.88 -7.59 2.61
CA VAL B 99 7.75 -8.52 1.90
C VAL B 99 6.95 -9.67 1.32
N GLY B 100 6.07 -10.27 2.13
CA GLY B 100 5.28 -11.39 1.65
C GLY B 100 4.35 -11.03 0.51
N ASN B 101 3.60 -9.94 0.67
CA ASN B 101 2.66 -9.51 -0.35
C ASN B 101 3.38 -9.21 -1.66
N ILE B 102 4.47 -8.47 -1.60
CA ILE B 102 5.18 -8.12 -2.84
C ILE B 102 5.81 -9.37 -3.46
N SER B 103 6.40 -10.24 -2.63
CA SER B 103 7.09 -11.41 -3.15
C SER B 103 6.11 -12.37 -3.82
N ARG B 104 4.88 -12.45 -3.32
CA ARG B 104 3.95 -13.41 -3.91
C ARG B 104 3.47 -12.98 -5.30
N TYR B 105 3.91 -11.84 -5.81
CA TYR B 105 3.77 -11.52 -7.22
C TYR B 105 4.89 -12.12 -8.07
N TYR B 106 5.84 -12.81 -7.44
CA TYR B 106 6.97 -13.41 -8.13
C TYR B 106 7.07 -14.89 -7.75
N THR B 107 7.95 -15.60 -8.44
CA THR B 107 8.12 -17.03 -8.25
C THR B 107 9.43 -17.43 -7.59
N HIS B 108 10.50 -16.68 -7.82
CA HIS B 108 11.81 -16.97 -7.26
C HIS B 108 12.24 -15.84 -6.34
N TRP B 109 13.01 -16.17 -5.31
CA TRP B 109 13.51 -15.17 -4.39
C TRP B 109 14.85 -15.60 -3.81
N SER B 110 15.61 -14.61 -3.36
CA SER B 110 16.91 -14.84 -2.76
C SER B 110 17.21 -13.69 -1.81
N GLY B 111 18.09 -13.94 -0.85
CA GLY B 111 18.57 -12.91 0.05
C GLY B 111 18.16 -13.15 1.48
N SER B 112 18.71 -12.32 2.35
CA SER B 112 18.51 -12.44 3.78
C SER B 112 17.23 -11.72 4.21
N LEU B 113 16.59 -12.27 5.23
CA LEU B 113 15.47 -11.63 5.90
C LEU B 113 15.87 -11.27 7.32
N GLU B 114 15.15 -10.30 7.89
CA GLU B 114 15.38 -9.88 9.27
C GLU B 114 14.05 -9.86 10.00
N MET B 115 14.04 -10.45 11.20
CA MET B 115 12.89 -10.42 12.09
C MET B 115 13.23 -9.52 13.27
N THR B 116 12.35 -8.56 13.55
CA THR B 116 12.50 -7.66 14.69
C THR B 116 11.31 -7.84 15.62
N PHE B 117 11.60 -7.97 16.91
CA PHE B 117 10.58 -8.15 17.92
C PHE B 117 10.65 -7.01 18.92
N MET B 118 9.49 -6.40 19.19
CA MET B 118 9.39 -5.34 20.19
C MET B 118 8.67 -5.87 21.41
N PHE B 119 9.30 -5.72 22.58
CA PHE B 119 8.68 -6.10 23.83
C PHE B 119 7.83 -4.94 24.33
N CYS B 120 6.55 -5.21 24.58
CA CYS B 120 5.58 -4.19 24.95
C CYS B 120 5.05 -4.39 26.37
N GLY B 121 5.87 -4.94 27.25
CA GLY B 121 5.56 -5.03 28.66
C GLY B 121 5.81 -3.72 29.37
N SER B 122 5.53 -3.71 30.67
CA SER B 122 5.76 -2.52 31.48
C SER B 122 7.25 -2.30 31.68
N PHE B 123 7.60 -1.07 32.07
CA PHE B 123 9.00 -0.75 32.33
C PHE B 123 9.60 -1.67 33.38
N MET B 124 8.80 -2.10 34.36
CA MET B 124 9.29 -2.93 35.45
C MET B 124 9.46 -4.39 35.06
N ALA B 125 8.96 -4.82 33.91
CA ALA B 125 9.09 -6.20 33.48
C ALA B 125 10.52 -6.47 33.00
N ALA B 126 11.03 -7.65 33.31
CA ALA B 126 12.36 -8.07 32.88
C ALA B 126 12.31 -9.50 32.37
N GLY B 127 13.28 -9.84 31.53
CA GLY B 127 13.39 -11.19 31.02
C GLY B 127 14.41 -11.27 29.90
N LYS B 128 14.81 -12.51 29.61
CA LYS B 128 15.73 -12.79 28.52
C LYS B 128 15.14 -13.91 27.66
N LEU B 129 15.19 -13.75 26.34
CA LEU B 129 14.71 -14.75 25.42
C LEU B 129 15.81 -15.10 24.42
N ILE B 130 15.69 -16.29 23.84
CA ILE B 130 16.59 -16.73 22.78
C ILE B 130 15.75 -16.97 21.53
N LEU B 131 16.15 -16.35 20.43
CA LEU B 131 15.48 -16.50 19.14
C LEU B 131 16.41 -17.26 18.22
N CYS B 132 15.92 -18.36 17.65
CA CYS B 132 16.74 -19.28 16.88
C CYS B 132 16.20 -19.47 15.48
N TYR B 133 17.11 -19.52 14.51
CA TYR B 133 16.79 -19.90 13.14
C TYR B 133 17.48 -21.22 12.82
N THR B 134 16.70 -22.23 12.45
CA THR B 134 17.22 -23.55 12.16
C THR B 134 17.19 -23.80 10.66
N PRO B 135 18.35 -23.93 10.01
CA PRO B 135 18.33 -24.28 8.59
C PRO B 135 17.61 -25.58 8.37
N PRO B 136 17.04 -25.77 7.18
CA PRO B 136 16.15 -26.92 6.96
C PRO B 136 16.91 -28.24 6.94
N GLY B 137 16.13 -29.32 6.94
CA GLY B 137 16.68 -30.67 6.89
C GLY B 137 16.00 -31.62 7.86
N GLY B 138 15.57 -31.11 9.01
CA GLY B 138 14.95 -31.91 10.03
C GLY B 138 13.65 -31.30 10.51
N SER B 139 13.16 -31.82 11.63
CA SER B 139 11.97 -31.30 12.28
C SER B 139 12.28 -30.01 13.01
N CYS B 140 11.25 -29.18 13.17
CA CYS B 140 11.39 -27.95 13.94
C CYS B 140 11.80 -28.29 15.37
N PRO B 141 12.88 -27.70 15.89
CA PRO B 141 13.32 -28.04 17.25
C PRO B 141 12.23 -27.73 18.27
N THR B 142 12.09 -28.65 19.24
CA THR B 142 11.12 -28.47 20.32
C THR B 142 11.76 -28.19 21.67
N THR B 143 13.09 -28.25 21.78
CA THR B 143 13.79 -27.98 23.02
C THR B 143 14.87 -26.93 22.78
N ARG B 144 15.16 -26.16 23.84
CA ARG B 144 16.15 -25.10 23.71
C ARG B 144 17.53 -25.65 23.39
N GLU B 145 17.91 -26.76 24.02
CA GLU B 145 19.25 -27.30 23.82
C GLU B 145 19.49 -27.68 22.36
N THR B 146 18.43 -28.06 21.64
CA THR B 146 18.56 -28.33 20.21
C THR B 146 18.48 -27.06 19.38
N ALA B 147 17.53 -26.17 19.70
CA ALA B 147 17.35 -24.95 18.90
C ALA B 147 18.59 -24.05 18.96
N MET B 148 19.28 -24.00 20.09
CA MET B 148 20.42 -23.12 20.26
C MET B 148 21.64 -23.56 19.46
N LEU B 149 21.60 -24.73 18.83
CA LEU B 149 22.70 -25.15 17.96
C LEU B 149 22.71 -24.40 16.63
N GLY B 150 21.59 -23.79 16.22
CA GLY B 150 21.51 -23.02 15.01
C GLY B 150 21.81 -21.55 15.22
N THR B 151 21.52 -20.75 14.19
CA THR B 151 21.68 -19.31 14.29
C THR B 151 20.68 -18.75 15.30
N HIS B 152 21.16 -17.93 16.24
CA HIS B 152 20.28 -17.42 17.27
C HIS B 152 20.84 -16.14 17.86
N ILE B 153 19.96 -15.39 18.51
CA ILE B 153 20.31 -14.19 19.27
C ILE B 153 19.66 -14.29 20.64
N VAL B 154 20.43 -14.06 21.69
CA VAL B 154 19.89 -13.98 23.04
C VAL B 154 19.51 -12.53 23.32
N TRP B 155 18.24 -12.31 23.64
CA TRP B 155 17.66 -10.98 23.76
C TRP B 155 17.43 -10.66 25.22
N ASP B 156 18.03 -9.56 25.69
CA ASP B 156 17.84 -9.06 27.05
C ASP B 156 16.91 -7.85 26.99
N PHE B 157 15.76 -7.95 27.66
CA PHE B 157 14.85 -6.82 27.72
C PHE B 157 15.50 -5.64 28.44
N GLY B 158 15.25 -4.44 27.93
CA GLY B 158 15.84 -3.25 28.52
C GLY B 158 15.46 -1.96 27.82
N LEU B 159 16.29 -0.93 27.97
CA LEU B 159 15.95 0.38 27.40
C LEU B 159 15.69 0.28 25.91
N GLN B 160 16.53 -0.45 25.18
CA GLN B 160 16.27 -0.75 23.78
C GLN B 160 15.22 -1.86 23.74
N SER B 161 14.01 -1.52 23.32
CA SER B 161 12.86 -2.42 23.43
C SER B 161 12.83 -3.50 22.36
N SER B 162 13.67 -3.41 21.32
CA SER B 162 13.56 -4.29 20.17
C SER B 162 14.88 -4.96 19.86
N VAL B 163 14.79 -6.22 19.42
CA VAL B 163 15.94 -6.99 18.98
C VAL B 163 15.67 -7.50 17.58
N THR B 164 16.74 -7.75 16.84
CA THR B 164 16.64 -8.23 15.46
C THR B 164 17.31 -9.58 15.34
N LEU B 165 16.58 -10.55 14.78
CA LEU B 165 17.13 -11.85 14.42
C LEU B 165 17.32 -11.85 12.91
N ILE B 166 18.57 -12.00 12.47
CA ILE B 166 18.86 -12.08 11.04
C ILE B 166 18.68 -13.51 10.58
N ILE B 167 17.87 -13.69 9.54
CA ILE B 167 17.76 -14.98 8.87
C ILE B 167 18.64 -14.93 7.64
N PRO B 168 19.90 -15.34 7.74
CA PRO B 168 20.82 -15.20 6.60
C PRO B 168 20.40 -16.11 5.46
N TRP B 169 20.72 -15.66 4.24
CA TRP B 169 20.46 -16.47 3.06
C TRP B 169 21.43 -17.65 3.08
N ILE B 170 20.95 -18.79 3.54
CA ILE B 170 21.71 -20.03 3.53
C ILE B 170 20.95 -20.99 2.63
N SER B 171 21.46 -21.17 1.41
CA SER B 171 20.78 -21.94 0.37
C SER B 171 21.80 -22.60 -0.54
N GLY B 172 21.51 -23.84 -0.92
CA GLY B 172 22.35 -24.50 -1.91
C GLY B 172 22.27 -23.82 -3.27
N SER B 173 21.07 -23.40 -3.67
CA SER B 173 20.83 -22.78 -4.97
C SER B 173 20.84 -21.26 -4.85
N HIS B 174 21.04 -20.61 -5.99
CA HIS B 174 21.03 -19.15 -6.02
C HIS B 174 19.68 -18.60 -5.56
N TYR B 175 18.58 -19.24 -5.98
CA TYR B 175 17.24 -18.79 -5.63
C TYR B 175 16.45 -19.92 -5.00
N ARG B 176 15.41 -19.54 -4.28
CA ARG B 176 14.36 -20.46 -3.84
C ARG B 176 13.08 -20.17 -4.61
N MET B 177 12.11 -21.06 -4.49
CA MET B 177 10.88 -20.99 -5.26
C MET B 177 9.68 -20.90 -4.33
N PHE B 178 8.72 -20.05 -4.69
CA PHE B 178 7.45 -19.95 -3.98
C PHE B 178 6.47 -21.01 -4.50
N ASN B 179 6.76 -22.27 -4.17
CA ASN B 179 5.99 -23.38 -4.67
C ASN B 179 5.16 -24.02 -3.56
N ASN B 180 4.00 -24.57 -3.93
CA ASN B 180 3.05 -25.08 -2.97
C ASN B 180 3.55 -26.30 -2.23
N ASP B 181 4.61 -26.95 -2.70
CA ASP B 181 5.23 -28.06 -1.97
C ASP B 181 6.17 -27.47 -0.93
N ALA B 182 5.66 -27.26 0.28
CA ALA B 182 6.43 -26.58 1.31
C ALA B 182 7.64 -27.40 1.74
N LYS B 183 7.64 -28.71 1.49
CA LYS B 183 8.72 -29.58 1.88
C LYS B 183 9.74 -29.81 0.77
N SER B 184 9.58 -29.12 -0.36
CA SER B 184 10.56 -29.23 -1.44
C SER B 184 11.90 -28.66 -1.02
N THR B 185 12.98 -29.28 -1.51
CA THR B 185 14.32 -28.78 -1.23
C THR B 185 14.59 -27.45 -1.91
N ASN B 186 13.78 -27.06 -2.89
CA ASN B 186 13.90 -25.76 -3.54
C ASN B 186 13.07 -24.68 -2.86
N ALA B 187 12.34 -25.00 -1.81
CA ALA B 187 11.46 -24.01 -1.20
C ALA B 187 11.65 -23.86 0.31
N ASN B 188 11.90 -24.95 1.03
CA ASN B 188 11.91 -24.88 2.48
C ASN B 188 13.06 -24.02 2.99
N VAL B 189 12.75 -23.09 3.89
CA VAL B 189 13.74 -22.18 4.43
C VAL B 189 14.22 -22.62 5.82
N GLY B 190 13.45 -23.42 6.55
CA GLY B 190 13.77 -23.81 7.90
C GLY B 190 12.71 -23.29 8.86
N TYR B 191 13.14 -23.04 10.09
CA TYR B 191 12.21 -22.66 11.15
C TYR B 191 12.82 -21.55 12.01
N VAL B 192 11.94 -20.77 12.63
CA VAL B 192 12.30 -19.82 13.66
C VAL B 192 11.56 -20.21 14.94
N THR B 193 12.29 -20.33 16.03
CA THR B 193 11.71 -20.68 17.32
C THR B 193 12.15 -19.67 18.37
N CYS B 194 11.32 -19.52 19.40
CA CYS B 194 11.59 -18.63 20.51
C CYS B 194 11.43 -19.37 21.83
N PHE B 195 12.48 -19.37 22.63
CA PHE B 195 12.48 -20.00 23.94
C PHE B 195 12.76 -18.95 25.01
N MET B 196 12.25 -19.21 26.21
CA MET B 196 12.69 -18.47 27.39
C MET B 196 14.17 -18.71 27.59
N GLN B 197 14.92 -17.62 27.79
CA GLN B 197 16.33 -17.79 28.18
C GLN B 197 16.46 -17.85 29.69
N THR B 198 15.85 -16.91 30.42
CA THR B 198 15.72 -17.06 31.87
C THR B 198 14.27 -17.14 32.31
N ASN B 199 13.50 -16.05 32.18
CA ASN B 199 12.08 -16.04 32.56
C ASN B 199 11.58 -14.60 32.39
N LEU B 200 10.26 -14.46 32.31
CA LEU B 200 9.60 -13.17 32.44
C LEU B 200 9.31 -12.92 33.92
N ILE B 201 9.92 -11.88 34.48
CA ILE B 201 9.78 -11.55 35.89
C ILE B 201 9.24 -10.13 36.00
N VAL B 202 8.09 -9.99 36.65
CA VAL B 202 7.43 -8.69 36.79
C VAL B 202 7.00 -8.51 38.25
N PRO B 203 6.91 -7.28 38.74
CA PRO B 203 6.40 -7.07 40.10
C PRO B 203 4.89 -7.21 40.14
N SER B 204 4.37 -7.26 41.37
CA SER B 204 2.95 -7.53 41.57
C SER B 204 2.05 -6.48 40.91
N GLU B 205 2.48 -5.24 40.79
CA GLU B 205 1.65 -4.18 40.23
C GLU B 205 1.68 -4.14 38.71
N SER B 206 2.70 -4.71 38.07
CA SER B 206 2.75 -4.81 36.62
C SER B 206 1.83 -5.94 36.15
N SER B 207 1.46 -5.86 34.88
CA SER B 207 0.69 -6.95 34.27
C SER B 207 1.53 -8.22 34.26
N ASP B 208 0.91 -9.34 34.63
CA ASP B 208 1.63 -10.61 34.65
C ASP B 208 1.75 -11.22 33.26
N THR B 209 1.08 -10.65 32.27
CA THR B 209 1.17 -11.10 30.88
C THR B 209 1.64 -9.95 30.01
N CYS B 210 2.69 -10.17 29.23
CA CYS B 210 3.25 -9.16 28.35
C CYS B 210 3.25 -9.64 26.91
N SER B 211 3.19 -8.69 25.99
CA SER B 211 3.04 -8.98 24.58
C SER B 211 4.30 -8.59 23.80
N LEU B 212 4.60 -9.39 22.78
CA LEU B 212 5.61 -9.06 21.79
C LEU B 212 4.93 -8.83 20.45
N ILE B 213 5.49 -7.91 19.66
CA ILE B 213 5.07 -7.69 18.29
C ILE B 213 6.24 -8.05 17.39
N GLY B 214 6.02 -8.99 16.47
CA GLY B 214 7.04 -9.44 15.55
C GLY B 214 6.91 -8.74 14.21
N PHE B 215 8.03 -8.24 13.70
CA PHE B 215 8.12 -7.60 12.41
C PHE B 215 9.07 -8.39 11.52
N ILE B 216 8.88 -8.29 10.21
CA ILE B 216 9.75 -8.95 9.24
C ILE B 216 9.99 -8.00 8.07
N ALA B 217 11.20 -8.05 7.52
CA ALA B 217 11.55 -7.31 6.32
C ALA B 217 12.75 -7.99 5.67
N ALA B 218 12.95 -7.69 4.39
CA ALA B 218 14.09 -8.19 3.64
C ALA B 218 15.23 -7.18 3.72
N LYS B 219 16.45 -7.69 3.69
CA LYS B 219 17.64 -6.85 3.61
C LYS B 219 17.87 -6.44 2.16
N ASP B 220 18.85 -5.56 1.95
CA ASP B 220 19.13 -5.08 0.59
C ASP B 220 19.91 -6.08 -0.25
N ASP B 221 20.07 -7.32 0.21
CA ASP B 221 20.53 -8.41 -0.63
C ASP B 221 19.39 -9.23 -1.21
N PHE B 222 18.16 -8.79 -0.99
CA PHE B 222 16.95 -9.49 -1.45
C PHE B 222 16.69 -9.19 -2.92
N SER B 223 16.19 -10.20 -3.64
CA SER B 223 15.78 -10.01 -5.02
C SER B 223 14.69 -11.00 -5.37
N LEU B 224 13.93 -10.68 -6.43
CA LEU B 224 12.82 -11.49 -6.89
C LEU B 224 12.86 -11.62 -8.40
N ARG B 225 12.29 -12.70 -8.92
CA ARG B 225 12.24 -12.95 -10.36
C ARG B 225 10.93 -13.62 -10.73
N LEU B 226 10.66 -13.66 -12.03
CA LEU B 226 9.57 -14.42 -12.63
C LEU B 226 8.20 -13.97 -12.10
N MET B 227 7.86 -12.74 -12.47
CA MET B 227 6.54 -12.17 -12.18
C MET B 227 5.42 -13.16 -12.45
N ARG B 228 4.43 -13.17 -11.56
CA ARG B 228 3.26 -14.03 -11.70
C ARG B 228 2.06 -13.32 -11.08
N ASP B 229 0.87 -13.77 -11.47
CA ASP B 229 -0.35 -13.25 -10.85
C ASP B 229 -0.40 -13.66 -9.39
N SER B 230 -0.67 -12.70 -8.52
CA SER B 230 -0.71 -13.00 -7.09
C SER B 230 -1.92 -13.85 -6.75
N PRO B 231 -1.74 -14.95 -6.01
CA PRO B 231 -2.91 -15.73 -5.57
C PRO B 231 -3.66 -15.10 -4.40
N ASP B 232 -3.30 -13.88 -3.98
CA ASP B 232 -3.92 -13.26 -2.83
C ASP B 232 -5.21 -12.51 -3.17
N ILE B 233 -5.57 -12.40 -4.45
CA ILE B 233 -6.78 -11.71 -4.85
C ILE B 233 -7.42 -12.44 -6.02
N GLY B 234 -8.74 -12.48 -6.02
CA GLY B 234 -9.49 -13.11 -7.10
C GLY B 234 -10.94 -12.73 -7.04
N GLN B 235 -11.63 -12.94 -8.15
CA GLN B 235 -13.05 -12.66 -8.25
C GLN B 235 -13.75 -13.77 -9.01
N LEU B 236 -14.93 -14.17 -8.54
CA LEU B 236 -15.75 -15.14 -9.23
C LEU B 236 -16.91 -14.51 -9.98
N ASP B 237 -17.17 -13.23 -9.77
CA ASP B 237 -18.24 -12.52 -10.46
C ASP B 237 -17.82 -11.07 -10.65
N HIS B 238 -18.61 -10.34 -11.43
CA HIS B 238 -18.38 -8.91 -11.58
C HIS B 238 -18.65 -8.19 -10.25
N LEU B 239 -17.83 -7.18 -9.98
CA LEU B 239 -18.04 -6.37 -8.78
C LEU B 239 -19.31 -5.53 -8.92
N HIS B 240 -19.88 -5.17 -7.78
CA HIS B 240 -21.06 -4.32 -7.78
C HIS B 240 -20.77 -3.00 -8.47
N ALA B 241 -21.73 -2.53 -9.27
CA ALA B 241 -21.68 -1.27 -10.01
C ALA B 241 -20.80 -1.37 -11.25
N ALA B 242 -20.12 -2.50 -11.48
CA ALA B 242 -19.34 -2.66 -12.71
C ALA B 242 -20.23 -2.62 -13.94
N GLU B 243 -21.41 -3.26 -13.88
CA GLU B 243 -22.34 -3.21 -15.01
C GLU B 243 -22.80 -1.80 -15.29
N ALA B 244 -22.99 -0.98 -14.25
CA ALA B 244 -23.47 0.38 -14.44
C ALA B 244 -22.53 1.21 -15.31
N ALA B 245 -21.26 0.83 -15.44
CA ALA B 245 -20.36 1.56 -16.30
C ALA B 245 -20.81 1.50 -17.77
N TYR B 246 -21.53 0.45 -18.14
CA TYR B 246 -22.04 0.30 -19.49
C TYR B 246 -23.44 0.88 -19.67
N GLN B 247 -24.00 1.50 -18.64
CA GLN B 247 -25.32 2.09 -18.72
C GLN B 247 -25.23 3.60 -18.90
N SER C 1 19.69 12.77 24.43
CA SER C 1 19.94 13.56 23.23
C SER C 1 18.85 13.36 22.20
N ASP C 2 18.29 12.16 22.16
CA ASP C 2 17.16 11.85 21.28
C ASP C 2 15.87 11.58 22.04
N ARG C 3 15.87 11.68 23.37
CA ARG C 3 14.66 11.46 24.15
C ARG C 3 14.00 12.76 24.59
N VAL C 4 14.74 13.86 24.60
CA VAL C 4 14.21 15.17 24.97
C VAL C 4 14.11 16.02 23.73
N LEU C 5 12.97 16.72 23.58
CA LEU C 5 12.72 17.50 22.39
C LEU C 5 11.81 18.67 22.72
N GLN C 6 12.09 19.83 22.12
CA GLN C 6 11.25 21.01 22.24
C GLN C 6 10.87 21.49 20.86
N LEU C 7 9.57 21.69 20.64
CA LEU C 7 9.05 22.20 19.38
C LEU C 7 8.43 23.56 19.64
N LYS C 8 8.86 24.57 18.88
CA LYS C 8 8.39 25.94 19.05
C LYS C 8 7.92 26.46 17.70
N LEU C 9 6.64 26.85 17.63
CA LEU C 9 6.05 27.39 16.41
C LEU C 9 5.12 28.53 16.80
N GLY C 10 5.34 29.70 16.22
CA GLY C 10 4.52 30.84 16.57
C GLY C 10 4.64 31.14 18.05
N ASN C 11 3.49 31.24 18.72
CA ASN C 11 3.43 31.51 20.15
C ASN C 11 3.28 30.25 20.99
N SER C 12 3.45 29.07 20.38
CA SER C 12 3.25 27.81 21.06
C SER C 12 4.56 27.03 21.13
N ALA C 13 4.72 26.28 22.21
CA ALA C 13 5.90 25.43 22.40
C ALA C 13 5.48 24.17 23.13
N ILE C 14 6.17 23.07 22.82
CA ILE C 14 5.93 21.77 23.44
C ILE C 14 7.26 21.16 23.80
N VAL C 15 7.35 20.60 25.01
CA VAL C 15 8.54 19.90 25.48
C VAL C 15 8.12 18.49 25.89
N THR C 16 8.91 17.50 25.47
CA THR C 16 8.74 16.12 25.91
C THR C 16 10.09 15.60 26.39
N GLN C 17 10.07 14.84 27.47
CA GLN C 17 11.29 14.23 28.00
C GLN C 17 11.38 12.74 27.72
N GLU C 18 10.41 12.16 27.02
CA GLU C 18 10.38 10.74 26.73
C GLU C 18 10.04 10.50 25.26
N ALA C 19 10.73 11.21 24.38
CA ALA C 19 10.60 10.97 22.95
C ALA C 19 11.61 9.92 22.51
N ALA C 20 11.32 9.29 21.37
CA ALA C 20 12.26 8.36 20.74
C ALA C 20 13.11 9.08 19.70
N ASN C 21 12.47 9.66 18.71
CA ASN C 21 13.02 10.52 17.67
C ASN C 21 11.83 11.31 17.15
N TYR C 22 11.94 11.90 15.97
CA TYR C 22 10.73 12.27 15.26
C TYR C 22 10.88 11.98 13.78
N CYS C 23 9.74 11.71 13.16
CA CYS C 23 9.68 11.22 11.78
C CYS C 23 9.36 12.37 10.84
N CYS C 24 10.14 12.48 9.77
CA CYS C 24 9.85 13.40 8.67
C CYS C 24 9.32 12.57 7.52
N ALA C 25 8.02 12.70 7.25
CA ALA C 25 7.35 11.85 6.28
C ALA C 25 8.11 11.81 4.96
N TYR C 26 8.51 10.60 4.56
CA TYR C 26 9.27 10.38 3.32
C TYR C 26 10.53 11.23 3.26
N GLY C 27 11.10 11.54 4.41
CA GLY C 27 12.32 12.34 4.46
C GLY C 27 12.17 13.73 3.86
N GLU C 28 11.02 14.37 4.07
CA GLU C 28 10.76 15.69 3.51
C GLU C 28 10.36 16.65 4.61
N TRP C 29 10.54 17.94 4.35
CA TRP C 29 10.17 19.02 5.23
C TRP C 29 9.20 19.97 4.53
N PRO C 30 8.24 20.54 5.25
CA PRO C 30 7.28 21.44 4.61
C PRO C 30 7.95 22.67 4.03
N ASN C 31 7.36 23.20 2.96
CA ASN C 31 7.86 24.42 2.32
C ASN C 31 6.71 25.11 1.61
N TYR C 32 6.91 26.38 1.29
CA TYR C 32 5.95 27.14 0.51
C TYR C 32 5.98 26.71 -0.95
N LEU C 33 4.89 27.00 -1.65
CA LEU C 33 4.76 26.61 -3.04
C LEU C 33 5.70 27.42 -3.92
N PRO C 34 6.61 26.79 -4.66
CA PRO C 34 7.54 27.54 -5.51
C PRO C 34 6.86 28.09 -6.76
N ASP C 35 7.49 29.10 -7.34
CA ASP C 35 6.96 29.75 -8.53
C ASP C 35 6.82 28.77 -9.70
N HIS C 36 7.79 27.88 -9.87
CA HIS C 36 7.75 26.94 -10.99
C HIS C 36 6.75 25.80 -10.78
N GLU C 37 6.00 25.81 -9.69
CA GLU C 37 4.94 24.83 -9.45
C GLU C 37 3.59 25.47 -9.17
N ALA C 38 3.51 26.80 -9.14
CA ALA C 38 2.27 27.49 -8.82
C ALA C 38 1.30 27.43 -9.98
N VAL C 39 0.01 27.53 -9.65
CA VAL C 39 -1.05 27.53 -10.65
C VAL C 39 -1.91 28.78 -10.49
N ALA C 40 -2.45 28.98 -9.28
CA ALA C 40 -3.22 30.18 -9.01
C ALA C 40 -2.33 31.42 -9.09
N ILE C 41 -2.81 32.44 -9.82
CA ILE C 41 -1.97 33.60 -10.11
C ILE C 41 -2.15 34.74 -9.12
N ASP C 42 -3.18 34.69 -8.27
CA ASP C 42 -3.35 35.75 -7.29
C ASP C 42 -2.29 35.64 -6.20
N LYS C 43 -1.93 36.78 -5.62
CA LYS C 43 -0.94 36.80 -4.55
C LYS C 43 -1.48 36.03 -3.34
N PRO C 44 -0.79 35.00 -2.87
CA PRO C 44 -1.28 34.27 -1.70
C PRO C 44 -1.03 35.04 -0.42
N THR C 45 -1.87 34.75 0.58
CA THR C 45 -1.66 35.25 1.93
C THR C 45 -0.95 34.18 2.75
N GLN C 46 0.07 34.60 3.51
CA GLN C 46 0.88 33.70 4.33
C GLN C 46 0.86 34.21 5.76
N PRO C 47 -0.13 33.80 6.55
CA PRO C 47 -0.28 34.37 7.90
C PRO C 47 0.89 34.11 8.83
N GLU C 48 1.68 33.06 8.59
CA GLU C 48 2.87 32.74 9.38
C GLU C 48 2.44 32.41 10.80
N THR C 49 2.86 33.16 11.82
CA THR C 49 2.63 32.74 13.20
C THR C 49 1.15 32.67 13.55
N ALA C 50 0.31 33.43 12.85
CA ALA C 50 -1.12 33.39 13.15
C ALA C 50 -1.71 32.00 12.95
N THR C 51 -1.24 31.26 11.94
CA THR C 51 -1.75 29.93 11.66
C THR C 51 -0.74 28.81 11.89
N ASP C 52 0.55 29.08 11.78
CA ASP C 52 1.59 28.06 11.93
C ASP C 52 1.92 27.92 13.42
N ARG C 53 1.05 27.22 14.14
CA ARG C 53 1.15 27.11 15.58
C ARG C 53 0.43 25.83 16.02
N PHE C 54 0.71 25.40 17.24
CA PHE C 54 0.12 24.16 17.75
C PHE C 54 -1.32 24.37 18.19
N TYR C 55 -2.21 23.56 17.67
CA TYR C 55 -3.59 23.48 18.13
C TYR C 55 -3.81 22.13 18.80
N THR C 56 -4.32 22.14 20.02
CA THR C 56 -4.55 20.93 20.79
C THR C 56 -6.03 20.55 20.67
N LEU C 57 -6.29 19.33 20.19
CA LEU C 57 -7.65 18.84 20.06
C LEU C 57 -8.12 18.26 21.40
N LYS C 58 -9.38 17.84 21.44
CA LYS C 58 -9.92 17.21 22.63
C LYS C 58 -9.25 15.86 22.87
N SER C 59 -8.87 15.60 24.12
CA SER C 59 -8.25 14.34 24.48
C SER C 59 -9.27 13.21 24.41
N VAL C 60 -8.77 11.99 24.18
CA VAL C 60 -9.59 10.79 24.19
C VAL C 60 -9.04 9.83 25.24
N LYS C 61 -9.92 8.99 25.76
CA LYS C 61 -9.58 8.06 26.83
C LYS C 61 -9.18 6.71 26.25
N TRP C 62 -8.03 6.20 26.68
CA TRP C 62 -7.55 4.88 26.28
C TRP C 62 -8.16 3.84 27.22
N GLU C 63 -9.12 3.08 26.72
CA GLU C 63 -9.80 2.04 27.49
C GLU C 63 -9.34 0.66 27.03
N THR C 64 -9.76 -0.36 27.77
CA THR C 64 -9.38 -1.73 27.45
C THR C 64 -9.91 -2.16 26.08
N GLY C 65 -11.15 -1.81 25.76
CA GLY C 65 -11.75 -2.21 24.51
C GLY C 65 -11.64 -1.19 23.39
N SER C 66 -10.76 -0.21 23.57
CA SER C 66 -10.58 0.81 22.54
C SER C 66 -10.08 0.20 21.24
N THR C 67 -10.71 0.56 20.13
CA THR C 67 -10.30 0.08 18.82
C THR C 67 -9.34 1.03 18.11
N GLY C 68 -9.28 2.29 18.53
CA GLY C 68 -8.44 3.26 17.86
C GLY C 68 -9.18 4.52 17.47
N TRP C 69 -8.43 5.54 17.07
CA TRP C 69 -8.99 6.84 16.75
C TRP C 69 -8.35 7.36 15.47
N TRP C 70 -9.05 8.27 14.80
CA TRP C 70 -8.49 8.93 13.63
C TRP C 70 -9.00 10.36 13.55
N TRP C 71 -8.19 11.22 12.94
CA TRP C 71 -8.55 12.59 12.62
C TRP C 71 -8.10 12.88 11.20
N LYS C 72 -8.97 13.52 10.42
CA LYS C 72 -8.66 13.87 9.05
C LYS C 72 -8.22 15.32 8.96
N LEU C 73 -7.20 15.58 8.17
CA LEU C 73 -6.67 16.91 7.99
C LEU C 73 -6.84 17.36 6.54
N PRO C 74 -7.19 18.64 6.31
CA PRO C 74 -7.31 19.68 7.34
C PRO C 74 -8.67 19.76 8.02
N ASP C 75 -9.55 18.78 7.78
CA ASP C 75 -10.91 18.86 8.30
C ASP C 75 -10.92 19.13 9.80
N ALA C 76 -10.06 18.45 10.56
CA ALA C 76 -10.07 18.58 12.01
C ALA C 76 -9.78 20.02 12.47
N LEU C 77 -9.00 20.77 11.70
CA LEU C 77 -8.60 22.12 12.07
C LEU C 77 -9.40 23.21 11.35
N ASN C 78 -10.40 22.84 10.56
CA ASN C 78 -11.04 23.79 9.67
C ASN C 78 -11.89 24.83 10.40
N ASN C 79 -12.14 24.67 11.71
CA ASN C 79 -12.92 25.65 12.45
C ASN C 79 -12.17 26.14 13.69
N ILE C 80 -10.84 26.10 13.67
CA ILE C 80 -10.03 26.43 14.84
C ILE C 80 -9.15 27.62 14.52
N GLY C 81 -9.25 28.66 15.35
CA GLY C 81 -8.35 29.80 15.33
C GLY C 81 -8.32 30.50 13.98
N MET C 82 -7.21 31.20 13.73
CA MET C 82 -7.01 31.88 12.47
C MET C 82 -6.83 30.92 11.29
N PHE C 83 -6.34 29.71 11.54
CA PHE C 83 -6.32 28.72 10.46
C PHE C 83 -7.73 28.46 9.94
N GLY C 84 -8.68 28.26 10.85
CA GLY C 84 -10.06 28.05 10.44
C GLY C 84 -10.63 29.24 9.69
N GLN C 85 -10.35 30.46 10.17
CA GLN C 85 -10.87 31.65 9.50
C GLN C 85 -10.29 31.79 8.09
N ASN C 86 -8.98 31.59 7.94
CA ASN C 86 -8.38 31.65 6.61
C ASN C 86 -8.95 30.59 5.69
N VAL C 87 -9.14 29.37 6.21
CA VAL C 87 -9.74 28.30 5.41
C VAL C 87 -11.14 28.70 4.97
N GLN C 88 -11.92 29.29 5.86
CA GLN C 88 -13.30 29.63 5.55
C GLN C 88 -13.38 30.77 4.55
N HIS C 89 -12.41 31.69 4.57
CA HIS C 89 -12.46 32.85 3.69
C HIS C 89 -11.74 32.65 2.37
N HIS C 90 -11.10 31.51 2.15
CA HIS C 90 -10.35 31.26 0.92
C HIS C 90 -10.81 29.97 0.26
N TYR C 91 -10.81 30.00 -1.07
CA TYR C 91 -11.14 28.83 -1.87
C TYR C 91 -10.02 27.80 -1.88
N LEU C 92 -8.77 28.22 -1.81
CA LEU C 92 -7.63 27.31 -1.88
C LEU C 92 -6.74 27.47 -0.65
N TYR C 93 -6.19 26.34 -0.19
CA TYR C 93 -5.24 26.35 0.91
C TYR C 93 -4.11 25.38 0.56
N ARG C 94 -3.00 25.51 1.29
CA ARG C 94 -1.88 24.58 1.17
C ARG C 94 -1.05 24.67 2.43
N SER C 95 -0.63 23.54 2.96
CA SER C 95 0.17 23.53 4.18
C SER C 95 0.66 22.13 4.48
N GLY C 96 1.77 22.06 5.21
CA GLY C 96 2.17 20.84 5.89
C GLY C 96 1.58 20.81 7.29
N PHE C 97 2.02 19.82 8.07
CA PHE C 97 1.57 19.68 9.45
C PHE C 97 2.71 19.15 10.31
N LEU C 98 2.72 19.55 11.57
CA LEU C 98 3.58 18.99 12.59
C LEU C 98 2.68 18.37 13.64
N ILE C 99 2.74 17.04 13.78
CA ILE C 99 1.85 16.28 14.65
C ILE C 99 2.62 15.82 15.86
N HIS C 100 2.07 16.07 17.05
CA HIS C 100 2.64 15.63 18.31
C HIS C 100 1.55 14.92 19.11
N VAL C 101 1.72 13.62 19.34
CA VAL C 101 0.77 12.80 20.07
C VAL C 101 1.34 12.51 21.45
N GLN C 102 0.53 12.71 22.49
CA GLN C 102 0.98 12.62 23.87
C GLN C 102 0.17 11.58 24.62
N CYS C 103 0.87 10.66 25.29
CA CYS C 103 0.22 9.68 26.15
C CYS C 103 1.23 9.20 27.18
N ASN C 104 0.95 9.42 28.46
CA ASN C 104 1.83 9.01 29.53
C ASN C 104 1.09 8.13 30.51
N ALA C 105 1.84 7.23 31.14
CA ALA C 105 1.32 6.33 32.17
C ALA C 105 2.45 6.08 33.16
N THR C 106 2.29 5.06 34.00
CA THR C 106 3.31 4.71 34.97
C THR C 106 4.22 3.61 34.44
N LYS C 107 5.31 3.38 35.16
CA LYS C 107 6.22 2.28 34.85
C LYS C 107 5.60 0.91 35.08
N PHE C 108 4.46 0.84 35.77
CA PHE C 108 3.72 -0.40 35.94
C PHE C 108 2.68 -0.63 34.85
N HIS C 109 2.53 0.33 33.93
CA HIS C 109 1.59 0.25 32.82
C HIS C 109 2.28 -0.33 31.60
N GLN C 110 1.49 -0.96 30.72
CA GLN C 110 1.98 -1.46 29.44
C GLN C 110 0.96 -1.16 28.37
N GLY C 111 1.44 -1.06 27.14
CA GLY C 111 0.59 -0.79 25.99
C GLY C 111 1.43 -0.20 24.86
N ALA C 112 0.93 -0.38 23.64
CA ALA C 112 1.61 0.14 22.46
C ALA C 112 0.60 0.76 21.51
N LEU C 113 0.85 2.00 21.11
CA LEU C 113 0.03 2.70 20.14
C LEU C 113 0.82 2.92 18.87
N LEU C 114 0.24 2.53 17.74
CA LEU C 114 0.79 2.88 16.44
C LEU C 114 0.25 4.25 16.04
N VAL C 115 1.14 5.18 15.77
CA VAL C 115 0.77 6.54 15.35
C VAL C 115 1.24 6.69 13.91
N VAL C 116 0.29 6.64 12.97
CA VAL C 116 0.59 6.62 11.54
C VAL C 116 -0.22 7.71 10.84
N ALA C 117 0.42 8.40 9.92
CA ALA C 117 -0.23 9.40 9.07
C ALA C 117 -0.49 8.77 7.71
N ILE C 118 -1.75 8.54 7.39
CA ILE C 118 -2.13 7.89 6.14
C ILE C 118 -2.46 8.94 5.08
N PRO C 119 -1.70 8.99 3.99
CA PRO C 119 -2.07 9.88 2.88
C PRO C 119 -3.28 9.33 2.14
N GLU C 120 -4.25 10.19 1.84
CA GLU C 120 -5.45 9.81 1.09
C GLU C 120 -6.08 8.55 1.69
N HIS C 121 -6.45 8.63 2.97
CA HIS C 121 -7.07 7.48 3.64
C HIS C 121 -8.54 7.43 3.26
N GLN C 122 -8.80 6.92 2.05
CA GLN C 122 -10.17 6.72 1.59
C GLN C 122 -10.80 5.56 2.34
N ARG C 123 -11.82 5.84 3.13
CA ARG C 123 -12.45 4.83 3.97
C ARG C 123 -13.48 4.03 3.19
N GLY C 124 -13.62 2.75 3.58
CA GLY C 124 -14.66 1.91 3.03
C GLY C 124 -15.69 1.59 4.10
N ALA C 125 -16.85 1.17 3.65
CA ALA C 125 -17.92 0.75 4.53
C ALA C 125 -17.95 -0.77 4.66
N HIS C 126 -18.43 -1.25 5.80
CA HIS C 126 -18.44 -2.67 6.12
C HIS C 126 -19.77 -3.30 5.72
N ASN C 127 -19.69 -4.40 4.97
CA ASN C 127 -20.85 -5.25 4.68
C ASN C 127 -21.98 -4.46 4.01
N THR C 128 -21.62 -3.63 3.05
CA THR C 128 -22.61 -2.90 2.27
C THR C 128 -21.96 -2.43 0.97
N ASN C 129 -22.78 -2.28 -0.06
CA ASN C 129 -22.31 -1.73 -1.34
C ASN C 129 -22.38 -0.21 -1.37
N THR C 130 -23.01 0.42 -0.39
CA THR C 130 -23.14 1.87 -0.37
C THR C 130 -21.85 2.51 0.13
N SER C 131 -21.37 3.51 -0.61
CA SER C 131 -20.17 4.22 -0.22
C SER C 131 -20.42 5.03 1.06
N PRO C 132 -19.37 5.27 1.84
CA PRO C 132 -19.52 6.11 3.04
C PRO C 132 -20.08 7.48 2.68
N GLY C 133 -20.95 7.99 3.55
CA GLY C 133 -21.57 9.28 3.34
C GLY C 133 -20.72 10.42 3.88
N PHE C 134 -21.21 11.64 3.65
CA PHE C 134 -20.48 12.82 4.10
C PHE C 134 -20.32 12.82 5.62
N ASP C 135 -21.38 12.47 6.36
CA ASP C 135 -21.30 12.49 7.81
C ASP C 135 -20.38 11.42 8.35
N ASP C 136 -20.20 10.31 7.62
CA ASP C 136 -19.27 9.28 8.07
C ASP C 136 -17.82 9.73 7.95
N ILE C 137 -17.50 10.58 6.98
CA ILE C 137 -16.13 10.97 6.68
C ILE C 137 -15.74 12.25 7.41
N MET C 138 -16.57 13.29 7.30
CA MET C 138 -16.22 14.61 7.81
C MET C 138 -16.68 14.71 9.27
N LYS C 139 -15.77 14.39 10.19
CA LYS C 139 -16.06 14.45 11.63
C LYS C 139 -15.51 15.70 12.31
N GLY C 140 -14.63 16.46 11.65
CA GLY C 140 -14.12 17.67 12.27
C GLY C 140 -13.19 17.40 13.44
N GLU C 141 -13.20 18.34 14.39
CA GLU C 141 -12.24 18.30 15.50
C GLU C 141 -12.39 17.05 16.34
N GLU C 142 -13.60 16.53 16.48
CA GLU C 142 -13.82 15.37 17.33
C GLU C 142 -13.20 14.10 16.74
N GLY C 143 -13.05 14.05 15.43
CA GLY C 143 -12.50 12.86 14.80
C GLY C 143 -13.46 11.68 14.85
N GLY C 144 -12.90 10.51 14.58
CA GLY C 144 -13.67 9.28 14.58
C GLY C 144 -12.92 8.14 15.24
N THR C 145 -13.54 6.97 15.20
CA THR C 145 -12.94 5.74 15.73
C THR C 145 -12.97 4.67 14.65
N PHE C 146 -12.00 3.77 14.70
CA PHE C 146 -11.93 2.69 13.72
C PHE C 146 -12.99 1.64 14.01
N ASN C 147 -13.77 1.29 12.99
CA ASN C 147 -14.69 0.16 13.13
C ASN C 147 -13.95 -1.16 13.13
N HIS C 148 -12.99 -1.32 12.23
CA HIS C 148 -12.20 -2.54 12.07
C HIS C 148 -10.76 -2.15 11.85
N PRO C 149 -10.04 -1.76 12.91
CA PRO C 149 -8.64 -1.35 12.74
C PRO C 149 -7.77 -2.43 12.13
N TYR C 150 -8.15 -3.70 12.31
CA TYR C 150 -7.39 -4.81 11.74
C TYR C 150 -7.16 -4.64 10.24
N VAL C 151 -8.14 -4.07 9.53
CA VAL C 151 -8.03 -3.84 8.10
C VAL C 151 -8.02 -2.35 7.77
N LEU C 152 -7.77 -1.49 8.75
CA LEU C 152 -7.69 -0.05 8.58
C LEU C 152 -8.99 0.57 8.05
N ASP C 153 -10.13 -0.07 8.31
CA ASP C 153 -11.43 0.39 7.82
C ASP C 153 -11.45 0.60 6.31
N ASP C 154 -10.55 -0.06 5.56
CA ASP C 154 -10.53 0.10 4.11
C ASP C 154 -10.22 -1.19 3.37
N GLY C 155 -10.35 -2.35 4.01
CA GLY C 155 -10.09 -3.62 3.36
C GLY C 155 -8.64 -3.97 3.17
N THR C 156 -7.72 -3.13 3.66
CA THR C 156 -6.28 -3.39 3.64
C THR C 156 -5.88 -4.03 4.97
N SER C 157 -4.59 -4.01 5.27
CA SER C 157 -4.06 -4.63 6.49
C SER C 157 -3.46 -3.57 7.41
N LEU C 158 -3.74 -3.72 8.71
CA LEU C 158 -3.04 -2.95 9.73
C LEU C 158 -1.57 -3.34 9.83
N ALA C 159 -1.26 -4.62 9.61
CA ALA C 159 0.12 -5.08 9.75
C ALA C 159 1.05 -4.37 8.78
N CYS C 160 0.56 -3.96 7.63
CA CYS C 160 1.37 -3.29 6.62
C CYS C 160 1.29 -1.78 6.70
N ALA C 161 0.62 -1.23 7.72
CA ALA C 161 0.49 0.21 7.85
C ALA C 161 1.82 0.90 8.12
N THR C 162 2.87 0.15 8.47
CA THR C 162 4.19 0.72 8.70
C THR C 162 4.83 1.23 7.42
N ILE C 163 4.26 0.92 6.25
CA ILE C 163 4.74 1.52 5.01
C ILE C 163 4.51 3.02 5.00
N PHE C 164 3.55 3.52 5.78
CA PHE C 164 3.24 4.93 5.91
C PHE C 164 4.12 5.57 6.98
N PRO C 165 4.29 6.89 6.93
CA PRO C 165 5.04 7.57 8.01
C PRO C 165 4.37 7.32 9.34
N HIS C 166 5.16 6.91 10.33
CA HIS C 166 4.59 6.46 11.58
C HIS C 166 5.64 6.48 12.69
N GLN C 167 5.15 6.48 13.92
CA GLN C 167 5.94 6.19 15.10
C GLN C 167 5.12 5.27 16.00
N TRP C 168 5.73 4.79 17.06
CA TRP C 168 5.03 4.04 18.09
C TRP C 168 5.19 4.75 19.43
N ILE C 169 4.14 4.66 20.24
CA ILE C 169 4.21 5.04 21.64
C ILE C 169 4.12 3.75 22.44
N ASN C 170 5.28 3.21 22.81
CA ASN C 170 5.37 2.04 23.66
C ASN C 170 5.58 2.51 25.09
N LEU C 171 4.60 2.23 25.96
CA LEU C 171 4.54 2.90 27.25
C LEU C 171 5.82 2.73 28.05
N ARG C 172 6.45 1.56 27.97
CA ARG C 172 7.70 1.36 28.68
C ARG C 172 8.87 2.14 28.09
N THR C 173 8.73 2.65 26.87
CA THR C 173 9.82 3.33 26.17
C THR C 173 9.64 4.83 26.09
N ASN C 174 8.49 5.31 25.60
CA ASN C 174 8.30 6.72 25.31
C ASN C 174 6.87 7.12 25.61
N ASN C 175 6.65 8.43 25.78
CA ASN C 175 5.32 8.96 26.05
C ASN C 175 4.84 9.96 25.00
N SER C 176 5.48 10.01 23.84
CA SER C 176 5.08 10.95 22.80
C SER C 176 5.59 10.50 21.46
N ALA C 177 4.87 10.89 20.41
CA ALA C 177 5.27 10.64 19.03
C ALA C 177 5.15 11.93 18.23
N THR C 178 6.12 12.16 17.35
CA THR C 178 6.17 13.38 16.55
C THR C 178 6.37 13.03 15.08
N ILE C 179 5.51 13.57 14.22
CA ILE C 179 5.58 13.33 12.78
C ILE C 179 5.44 14.67 12.06
N VAL C 180 6.34 14.94 11.12
CA VAL C 180 6.31 16.15 10.31
C VAL C 180 5.80 15.79 8.92
N LEU C 181 4.70 16.41 8.52
CA LEU C 181 4.07 16.05 7.25
C LEU C 181 4.24 17.16 6.23
N PRO C 182 4.82 16.88 5.07
CA PRO C 182 4.84 17.85 3.97
C PRO C 182 3.48 17.86 3.27
N TRP C 183 3.32 18.81 2.37
CA TRP C 183 2.14 18.86 1.50
C TRP C 183 2.11 17.60 0.65
N MET C 184 1.01 16.86 0.71
CA MET C 184 0.88 15.57 0.04
C MET C 184 -0.40 15.59 -0.79
N ASN C 185 -0.27 15.86 -2.08
CA ASN C 185 -1.42 16.06 -2.94
C ASN C 185 -0.98 15.94 -4.39
N ALA C 186 -1.92 15.52 -5.25
CA ALA C 186 -1.64 15.52 -6.68
C ALA C 186 -1.65 16.92 -7.28
N ALA C 187 -2.27 17.89 -6.60
CA ALA C 187 -2.35 19.27 -7.06
C ALA C 187 -1.58 20.21 -6.13
N PRO C 188 -1.06 21.32 -6.65
CA PRO C 188 -0.31 22.25 -5.79
C PRO C 188 -1.14 22.82 -4.64
N MET C 189 -2.43 23.06 -4.86
CA MET C 189 -3.32 23.55 -3.82
C MET C 189 -4.63 22.78 -3.90
N ASP C 190 -5.49 22.96 -2.90
CA ASP C 190 -6.73 22.21 -2.84
C ASP C 190 -7.80 23.01 -2.10
N PHE C 191 -9.04 22.60 -2.29
CA PHE C 191 -10.17 23.16 -1.56
C PHE C 191 -10.29 22.46 -0.21
N PRO C 192 -10.05 23.15 0.91
CA PRO C 192 -9.91 22.46 2.20
C PRO C 192 -11.20 21.85 2.73
N LEU C 193 -12.35 22.21 2.21
CA LEU C 193 -13.62 21.73 2.76
C LEU C 193 -14.13 20.45 2.11
N ARG C 194 -13.46 19.93 1.08
CA ARG C 194 -13.95 18.76 0.38
C ARG C 194 -12.90 17.66 0.20
N HIS C 195 -11.64 17.93 0.51
CA HIS C 195 -10.60 16.91 0.36
C HIS C 195 -9.68 16.95 1.56
N ASN C 196 -9.33 15.77 2.06
CA ASN C 196 -8.40 15.61 3.17
C ASN C 196 -7.15 14.90 2.70
N GLN C 197 -6.00 15.58 2.79
CA GLN C 197 -4.75 15.01 2.32
C GLN C 197 -4.21 13.94 3.26
N TRP C 198 -4.33 14.15 4.57
CA TRP C 198 -3.74 13.26 5.55
C TRP C 198 -4.78 12.79 6.55
N THR C 199 -4.60 11.56 7.03
CA THR C 199 -5.39 11.02 8.13
C THR C 199 -4.42 10.55 9.22
N LEU C 200 -4.61 11.06 10.43
CA LEU C 200 -3.84 10.61 11.58
C LEU C 200 -4.60 9.50 12.28
N ALA C 201 -3.98 8.34 12.40
CA ALA C 201 -4.59 7.17 13.02
C ALA C 201 -3.76 6.75 14.22
N ILE C 202 -4.42 6.56 15.36
CA ILE C 202 -3.80 6.04 16.57
C ILE C 202 -4.53 4.76 16.94
N ILE C 203 -3.83 3.63 16.86
CA ILE C 203 -4.43 2.32 17.01
C ILE C 203 -3.69 1.58 18.11
N PRO C 204 -4.39 1.11 19.16
CA PRO C 204 -3.74 0.35 20.26
C PRO C 204 -3.48 -1.10 19.91
N VAL C 205 -2.36 -1.34 19.23
CA VAL C 205 -2.01 -2.71 18.83
C VAL C 205 -1.83 -3.60 20.07
N VAL C 206 -1.26 -3.05 21.13
CA VAL C 206 -1.14 -3.74 22.40
C VAL C 206 -2.02 -3.01 23.41
N PRO C 207 -3.04 -3.66 23.98
CA PRO C 207 -3.98 -2.94 24.84
C PRO C 207 -3.32 -2.41 26.11
N LEU C 208 -3.88 -1.33 26.64
CA LEU C 208 -3.43 -0.80 27.91
C LEU C 208 -3.65 -1.83 29.02
N GLY C 209 -2.63 -2.04 29.85
CA GLY C 209 -2.73 -3.00 30.93
C GLY C 209 -1.93 -2.60 32.16
N THR C 210 -2.44 -2.97 33.33
CA THR C 210 -1.73 -2.76 34.59
C THR C 210 -2.45 -3.52 35.68
N ARG C 211 -1.74 -3.73 36.79
CA ARG C 211 -2.33 -4.28 37.99
C ARG C 211 -2.28 -3.31 39.16
N THR C 212 -1.76 -2.10 38.94
CA THR C 212 -1.79 -1.05 39.94
C THR C 212 -3.15 -0.36 39.89
N THR C 213 -3.44 0.50 40.86
CA THR C 213 -4.72 1.19 40.90
C THR C 213 -4.94 1.97 39.61
N SER C 214 -6.09 1.75 38.98
CA SER C 214 -6.34 2.28 37.65
C SER C 214 -6.59 3.78 37.68
N SER C 215 -6.14 4.45 36.62
CA SER C 215 -6.38 5.87 36.41
C SER C 215 -6.77 6.10 34.96
N MET C 216 -7.48 7.20 34.71
CA MET C 216 -7.76 7.62 33.35
C MET C 216 -6.45 7.86 32.61
N VAL C 217 -6.32 7.26 31.43
CA VAL C 217 -5.12 7.43 30.62
C VAL C 217 -5.52 8.09 29.30
N PRO C 218 -5.45 9.41 29.20
CA PRO C 218 -5.86 10.07 27.96
C PRO C 218 -4.77 10.03 26.89
N ILE C 219 -5.21 10.22 25.65
CA ILE C 219 -4.33 10.44 24.52
C ILE C 219 -4.65 11.82 23.97
N THR C 220 -3.63 12.65 23.80
CA THR C 220 -3.82 14.03 23.37
C THR C 220 -3.06 14.30 22.09
N VAL C 221 -3.71 14.98 21.15
CA VAL C 221 -3.15 15.27 19.84
C VAL C 221 -2.98 16.79 19.72
N SER C 222 -1.79 17.22 19.35
CA SER C 222 -1.52 18.62 19.04
C SER C 222 -0.95 18.69 17.63
N ILE C 223 -1.56 19.54 16.79
CA ILE C 223 -1.21 19.64 15.38
C ILE C 223 -0.92 21.10 15.05
N ALA C 224 0.25 21.34 14.47
CA ALA C 224 0.62 22.69 14.03
C ALA C 224 0.72 22.74 12.52
N PRO C 225 -0.14 23.47 11.82
CA PRO C 225 0.06 23.69 10.39
C PRO C 225 1.38 24.41 10.15
N MET C 226 2.03 24.08 9.03
CA MET C 226 3.32 24.64 8.68
C MET C 226 3.29 25.17 7.26
N CYS C 227 3.87 26.35 7.05
CA CYS C 227 3.96 26.97 5.73
C CYS C 227 2.58 27.12 5.08
N CYS C 228 1.61 27.57 5.87
CA CYS C 228 0.27 27.79 5.34
C CYS C 228 0.25 28.92 4.33
N GLU C 229 -0.48 28.71 3.23
CA GLU C 229 -0.80 29.78 2.31
C GLU C 229 -2.22 29.56 1.78
N PHE C 230 -2.88 30.67 1.45
CA PHE C 230 -4.27 30.63 1.00
C PHE C 230 -4.44 31.52 -0.22
N ASN C 231 -5.28 31.06 -1.15
CA ASN C 231 -5.56 31.80 -2.38
C ASN C 231 -7.06 31.83 -2.62
N GLY C 232 -7.50 32.80 -3.41
CA GLY C 232 -8.90 32.93 -3.77
C GLY C 232 -9.76 33.49 -2.66
N LEU C 233 -9.44 34.71 -2.21
CA LEU C 233 -10.17 35.33 -1.12
C LEU C 233 -11.60 35.65 -1.52
N ARG C 234 -12.53 35.40 -0.61
CA ARG C 234 -13.94 35.75 -0.80
C ARG C 234 -14.60 35.83 0.58
N HIS C 235 -15.92 35.84 0.61
CA HIS C 235 -16.67 35.85 1.86
C HIS C 235 -16.56 34.49 2.55
N ALA C 236 -16.81 34.50 3.85
CA ALA C 236 -16.72 33.28 4.64
C ALA C 236 -17.81 32.30 4.23
N ILE C 237 -17.45 31.01 4.19
CA ILE C 237 -18.38 29.98 3.76
C ILE C 237 -18.54 28.93 4.87
N THR C 238 -17.42 28.44 5.40
CA THR C 238 -17.43 27.42 6.43
C THR C 238 -18.34 26.25 6.06
N ILE D 29 12.31 1.50 -31.99
CA ILE D 29 11.72 1.99 -33.22
C ILE D 29 10.45 2.78 -32.94
N ASN D 30 10.58 4.11 -32.95
CA ASN D 30 9.46 5.02 -32.70
C ASN D 30 9.49 6.11 -33.77
N PHE D 31 8.61 5.98 -34.77
CA PHE D 31 8.48 6.97 -35.82
C PHE D 31 7.31 7.92 -35.58
N TYR D 32 6.64 7.81 -34.45
CA TYR D 32 5.55 8.70 -34.10
C TYR D 32 6.08 10.06 -33.65
N LYS D 33 5.28 11.09 -33.87
CA LYS D 33 5.68 12.45 -33.56
C LYS D 33 5.50 12.83 -32.10
N ASP D 34 4.58 12.16 -31.39
CA ASP D 34 4.32 12.45 -29.99
C ASP D 34 5.16 11.53 -29.11
N SER D 35 5.92 12.13 -28.20
CA SER D 35 6.86 11.38 -27.37
C SER D 35 6.18 10.32 -26.50
N TYR D 36 4.96 10.56 -26.04
CA TYR D 36 4.30 9.59 -25.17
C TYR D 36 3.92 8.31 -25.90
N ALA D 37 4.04 8.27 -27.22
CA ALA D 37 3.81 7.05 -28.00
C ALA D 37 4.94 6.03 -27.84
N ALA D 38 6.08 6.43 -27.28
CA ALA D 38 7.25 5.57 -27.22
C ALA D 38 6.98 4.33 -26.37
N SER D 39 7.87 3.34 -26.51
CA SER D 39 7.79 2.12 -25.73
C SER D 39 8.19 2.40 -24.28
N ALA D 40 8.09 1.37 -23.44
CA ALA D 40 8.30 1.54 -22.00
C ALA D 40 9.74 1.93 -21.69
N SER D 41 9.94 2.56 -20.54
CA SER D 41 11.25 2.97 -20.06
C SER D 41 11.61 2.14 -18.83
N LYS D 42 12.50 1.18 -19.00
CA LYS D 42 12.89 0.26 -17.94
C LYS D 42 14.35 0.45 -17.53
N GLN D 43 14.82 1.70 -17.51
CA GLN D 43 16.23 1.96 -17.27
C GLN D 43 16.45 2.91 -16.09
N ASP D 44 15.46 3.06 -15.22
CA ASP D 44 15.57 3.95 -14.07
C ASP D 44 15.89 3.09 -12.84
N PHE D 45 17.18 2.92 -12.56
CA PHE D 45 17.64 2.08 -11.47
C PHE D 45 17.92 2.86 -10.20
N SER D 46 17.56 4.15 -10.15
CA SER D 46 17.75 4.95 -8.95
C SER D 46 16.85 4.47 -7.83
N GLN D 47 17.40 4.40 -6.62
CA GLN D 47 16.67 3.97 -5.44
C GLN D 47 16.98 4.90 -4.28
N ASP D 48 16.01 5.00 -3.36
CA ASP D 48 16.23 5.69 -2.08
C ASP D 48 15.31 5.07 -1.03
N PRO D 49 15.63 3.85 -0.59
CA PRO D 49 14.75 3.18 0.38
C PRO D 49 14.67 3.88 1.72
N SER D 50 15.64 4.73 2.06
CA SER D 50 15.62 5.42 3.34
C SER D 50 14.39 6.31 3.50
N LYS D 51 13.77 6.71 2.39
CA LYS D 51 12.51 7.45 2.47
C LYS D 51 11.46 6.70 3.25
N PHE D 52 11.48 5.36 3.23
CA PHE D 52 10.51 4.54 3.93
C PHE D 52 11.10 3.75 5.08
N THR D 53 12.40 3.43 5.04
CA THR D 53 13.02 2.64 6.09
C THR D 53 13.63 3.48 7.21
N GLU D 54 13.97 4.73 6.94
CA GLU D 54 14.65 5.59 7.91
C GLU D 54 14.24 7.04 7.68
N PRO D 55 12.95 7.36 7.86
CA PRO D 55 12.48 8.74 7.72
C PRO D 55 12.56 9.54 9.03
N VAL D 56 13.71 9.48 9.69
CA VAL D 56 13.91 10.16 10.96
C VAL D 56 14.86 11.33 10.76
N VAL D 57 14.65 12.38 11.55
CA VAL D 57 15.48 13.58 11.44
C VAL D 57 16.92 13.25 11.82
N GLU D 58 17.10 12.50 12.91
CA GLU D 58 18.42 12.11 13.39
C GLU D 58 18.76 10.73 12.84
N GLY D 59 19.73 10.68 11.93
CA GLY D 59 20.14 9.40 11.38
C GLY D 59 20.75 8.51 12.44
N LEU D 60 20.48 7.21 12.33
CA LEU D 60 21.00 6.25 13.30
C LEU D 60 22.34 5.70 12.82
N LYS D 61 23.23 5.40 13.77
CA LYS D 61 24.55 4.88 13.46
C LYS D 61 24.61 3.39 13.76
N ALA D 62 25.46 2.67 13.02
CA ALA D 62 25.57 1.23 13.21
C ALA D 62 26.17 0.91 14.58
N GLY D 63 25.60 -0.07 15.26
CA GLY D 63 26.06 -0.55 16.55
C GLY D 63 25.65 0.30 17.74
N ALA D 64 25.66 1.61 17.59
CA ALA D 64 25.31 2.49 18.70
C ALA D 64 23.84 2.33 19.06
N PRO D 65 23.49 2.33 20.34
CA PRO D 65 22.08 2.21 20.71
C PRO D 65 21.25 3.34 20.11
N VAL D 66 20.05 2.99 19.64
CA VAL D 66 19.17 3.98 19.02
C VAL D 66 18.67 4.98 20.07
N LEU D 67 18.31 4.48 21.25
CA LEU D 67 17.76 5.33 22.30
C LEU D 67 18.84 5.80 23.26
#